data_4BPQ
#
_entry.id   4BPQ
#
_cell.length_a   1.000
_cell.length_b   1.000
_cell.length_c   1.000
_cell.angle_alpha   90.00
_cell.angle_beta   90.00
_cell.angle_gamma   90.00
#
_symmetry.space_group_name_H-M   'P 1'
#
_entity_poly.entity_id   1
_entity_poly.type   'polypeptide(L)'
_entity_poly.pdbx_seq_one_letter_code
;(UNK)(UNK)(UNK)(UNK)(UNK)(UNK)(UNK)(UNK)(UNK)(UNK)(UNK)(UNK)(UNK)(UNK)(UNK)(UNK)
(UNK)(UNK)(UNK)(UNK)(UNK)(UNK)(UNK)(UNK)(UNK)(UNK)(UNK)(UNK)(UNK)(UNK)(UNK)(UNK)
(UNK)(UNK)(UNK)(UNK)(UNK)(UNK)(UNK)(UNK)(UNK)(UNK)(UNK)(UNK)(UNK)(UNK)(UNK)(UNK)
(UNK)(UNK)(UNK)(UNK)(UNK)(UNK)(UNK)(UNK)(UNK)(UNK)(UNK)(UNK)(UNK)(UNK)(UNK)(UNK)
(UNK)(UNK)(UNK)(UNK)(UNK)(UNK)(UNK)(UNK)(UNK)(UNK)(UNK)(UNK)(UNK)(UNK)(UNK)(UNK)
(UNK)(UNK)(UNK)(UNK)(UNK)(UNK)(UNK)(UNK)(UNK)(UNK)(UNK)(UNK)(UNK)(UNK)(UNK)(UNK)
(UNK)(UNK)(UNK)(UNK)(UNK)(UNK)(UNK)(UNK)(UNK)(UNK)(UNK)(UNK)(UNK)(UNK)(UNK)(UNK)
(UNK)(UNK)(UNK)(UNK)(UNK)(UNK)(UNK)(UNK)(UNK)(UNK)(UNK)(UNK)(UNK)(UNK)(UNK)(UNK)
(UNK)(UNK)(UNK)(UNK)(UNK)(UNK)(UNK)(UNK)(UNK)(UNK)(UNK)(UNK)(UNK)(UNK)(UNK)(UNK)
(UNK)(UNK)(UNK)(UNK)(UNK)(UNK)(UNK)(UNK)(UNK)(UNK)(UNK)(UNK)(UNK)(UNK)(UNK)(UNK)
(UNK)(UNK)(UNK)(UNK)(UNK)(UNK)(UNK)(UNK)(UNK)(UNK)(UNK)(UNK)(UNK)(UNK)(UNK)(UNK)
(UNK)(UNK)(UNK)(UNK)(UNK)(UNK)(UNK)(UNK)(UNK)(UNK)(UNK)(UNK)(UNK)(UNK)(UNK)(UNK)
(UNK)(UNK)(UNK)(UNK)(UNK)(UNK)(UNK)(UNK)(UNK)(UNK)(UNK)(UNK)(UNK)(UNK)(UNK)(UNK)
(UNK)(UNK)(UNK)(UNK)(UNK)(UNK)(UNK)(UNK)(UNK)(UNK)(UNK)(UNK)(UNK)(UNK)(UNK)(UNK)
(UNK)(UNK)(UNK)(UNK)(UNK)(UNK)(UNK)(UNK)(UNK)(UNK)(UNK)(UNK)(UNK)(UNK)(UNK)(UNK)
(UNK)(UNK)(UNK)(UNK)(UNK)(UNK)(UNK)(UNK)(UNK)(UNK)(UNK)(UNK)(UNK)(UNK)(UNK)(UNK)
(UNK)(UNK)(UNK)(UNK)(UNK)(UNK)(UNK)(UNK)(UNK)(UNK)(UNK)(UNK)(UNK)(UNK)(UNK)(UNK)
(UNK)(UNK)(UNK)(UNK)(UNK)(UNK)(UNK)(UNK)(UNK)(UNK)(UNK)(UNK)(UNK)(UNK)(UNK)(UNK)
(UNK)(UNK)(UNK)(UNK)(UNK)(UNK)(UNK)(UNK)(UNK)(UNK)(UNK)(UNK)(UNK)(UNK)(UNK)(UNK)
(UNK)(UNK)(UNK)(UNK)(UNK)(UNK)(UNK)(UNK)(UNK)(UNK)(UNK)(UNK)(UNK)(UNK)
;
_entity_poly.pdbx_strand_id   A,B
#
# COMPACT_ATOMS: atom_id res chain seq x y z
N UNK A 1 -22.20 0.52 -13.10
CA UNK A 1 -20.85 0.12 -13.47
C UNK A 1 -20.28 -0.83 -12.42
N UNK A 2 -20.43 -0.47 -11.15
CA UNK A 2 -19.93 -1.28 -10.06
C UNK A 2 -20.54 -2.67 -10.13
N UNK A 3 -21.86 -2.74 -10.32
CA UNK A 3 -22.56 -4.00 -10.40
C UNK A 3 -21.96 -4.86 -11.51
N UNK A 4 -21.75 -4.25 -12.69
CA UNK A 4 -21.19 -4.95 -13.82
C UNK A 4 -19.84 -5.55 -13.45
N UNK A 5 -18.99 -4.74 -12.81
CA UNK A 5 -17.67 -5.18 -12.42
C UNK A 5 -17.78 -6.41 -11.51
N UNK A 6 -18.68 -6.34 -10.52
CA UNK A 6 -18.88 -7.45 -9.60
C UNK A 6 -19.24 -8.71 -10.37
N UNK A 7 -20.18 -8.59 -11.31
CA UNK A 7 -20.61 -9.72 -12.11
C UNK A 7 -19.42 -10.34 -12.83
N UNK A 8 -18.59 -9.50 -13.46
CA UNK A 8 -17.43 -9.96 -14.18
C UNK A 8 -16.52 -10.76 -13.24
N UNK A 9 -15.75 -10.06 -12.42
CA UNK A 9 -14.85 -10.71 -11.48
C UNK A 9 -15.62 -11.66 -10.57
N UNK A 10 -16.74 -11.18 -10.02
CA UNK A 10 -17.57 -11.98 -9.15
C UNK A 10 -18.00 -13.26 -9.86
N UNK A 11 -18.47 -13.12 -11.10
CA UNK A 11 -18.92 -14.26 -11.88
C UNK A 11 -17.79 -15.28 -12.00
N UNK A 12 -16.59 -14.81 -12.34
CA UNK A 12 -15.44 -15.67 -12.49
C UNK A 12 -15.19 -16.44 -11.21
N UNK A 13 -15.22 -15.75 -10.07
CA UNK A 13 -15.00 -16.37 -8.78
C UNK A 13 -16.02 -17.49 -8.56
N UNK A 14 -17.30 -17.21 -8.84
CA UNK A 14 -18.34 -18.19 -8.68
C UNK A 14 -18.04 -19.43 -9.51
N UNK A 15 -17.65 -19.23 -10.77
CA UNK A 15 -17.33 -20.32 -11.65
C UNK A 15 -16.23 -21.19 -11.05
N UNK A 16 -15.17 -20.53 -10.55
CA UNK A 16 -14.06 -21.24 -9.94
C UNK A 16 -14.55 -22.10 -8.79
N UNK A 17 -15.38 -21.54 -7.93
CA UNK A 17 -15.91 -22.25 -6.79
C UNK A 17 -16.66 -23.50 -7.27
N UNK A 18 -17.50 -23.35 -8.28
CA UNK A 18 -18.26 -24.46 -8.82
C UNK A 18 -17.32 -25.56 -9.27
N UNK A 19 -16.26 -25.19 -10.01
CA UNK A 19 -15.29 -26.15 -10.49
C UNK A 19 -14.69 -26.92 -9.34
N UNK A 20 -14.29 -26.21 -8.28
CA UNK A 20 -13.70 -26.82 -7.12
C UNK A 20 -14.65 -27.85 -6.53
N UNK A 21 -15.92 -27.48 -6.39
CA UNK A 21 -16.93 -28.37 -5.84
C UNK A 21 -17.00 -29.65 -6.67
N UNK A 22 -19.45 -16.03 25.13
CA UNK A 22 -18.92 -14.75 25.55
C UNK A 22 -18.24 -14.05 24.37
N UNK A 23 -17.39 -14.79 23.65
CA UNK A 23 -16.69 -14.24 22.50
C UNK A 23 -17.68 -13.68 21.50
N UNK A 24 -18.73 -14.46 21.19
CA UNK A 24 -19.74 -14.05 20.24
C UNK A 24 -20.37 -12.72 20.68
N UNK A 25 -20.72 -12.63 21.97
CA UNK A 25 -21.32 -11.43 22.51
C UNK A 25 -20.40 -10.25 22.29
N UNK A 26 -19.11 -10.42 22.60
CA UNK A 26 -18.14 -9.36 22.43
C UNK A 26 -18.12 -8.88 20.99
N UNK A 27 -18.09 -9.83 20.04
CA UNK A 27 -18.07 -9.51 18.63
C UNK A 27 -19.28 -8.65 18.27
N UNK A 28 -20.47 -9.07 18.74
CA UNK A 28 -21.70 -8.35 18.47
C UNK A 28 -21.57 -6.92 18.96
N UNK A 29 -21.07 -6.74 20.18
CA UNK A 29 -20.91 -5.42 20.77
C UNK A 29 -20.02 -4.57 19.87
N UNK A 30 -18.90 -5.13 19.43
CA UNK A 30 -17.98 -4.41 18.58
C UNK A 30 -18.69 -3.94 17.31
N UNK A 31 -19.45 -4.83 16.69
CA UNK A 31 -20.19 -4.51 15.48
C UNK A 31 -21.11 -3.32 15.73
N UNK A 32 -21.85 -3.37 16.84
CA UNK A 32 -22.77 -2.31 17.19
C UNK A 32 -22.02 -0.98 17.28
N UNK A 33 -20.88 -0.98 17.97
CA UNK A 33 -20.07 0.21 18.14
C UNK A 33 -19.70 0.78 16.77
N UNK A 34 -19.23 -0.10 15.87
CA UNK A 34 -18.84 0.31 14.54
C UNK A 34 -20.00 1.00 13.84
N UNK A 35 -21.19 0.40 13.91
CA UNK A 35 -22.37 0.95 13.28
C UNK A 35 -22.63 2.35 13.80
N UNK A 36 -22.57 2.52 15.13
CA UNK A 36 -22.79 3.80 15.75
C UNK A 36 -21.82 4.83 15.19
N UNK A 37 -20.55 4.47 15.11
CA UNK A 37 -19.53 5.36 14.60
C UNK A 37 -19.89 5.81 13.18
N UNK A 38 -19.58 4.96 12.19
CA UNK A 38 -19.87 5.27 10.81
C UNK A 38 -21.36 5.55 10.64
N UNK A 39 -22.20 4.68 11.20
CA UNK A 39 -23.64 4.83 11.11
C UNK A 39 -24.06 6.18 11.66
N UNK A 40 -23.53 6.53 12.84
CA UNK A 40 -23.86 7.80 13.47
C UNK A 40 -23.52 8.95 12.53
N UNK A 41 -22.32 8.91 11.93
CA UNK A 41 -21.89 9.95 11.03
C UNK A 41 -22.88 10.08 9.87
N UNK A 42 -23.28 8.95 9.29
CA UNK A 42 -24.23 8.96 8.19
C UNK A 42 -25.51 9.64 8.60
N UNK A 43 -26.03 9.29 9.78
CA UNK A 43 -27.26 9.88 10.29
C UNK A 43 -27.11 11.39 10.37
N UNK A 44 -25.99 11.86 10.94
CA UNK A 44 -25.74 13.28 11.07
C UNK A 44 -25.80 13.96 9.70
N UNK A 45 -25.13 13.36 8.72
CA UNK A 45 -25.11 13.91 7.38
C UNK A 45 -26.53 14.05 6.85
N UNK A 46 -27.34 13.00 7.01
CA UNK A 46 -28.72 13.02 6.55
C UNK A 46 -29.47 14.18 7.18
N UNK A 47 -29.31 14.36 8.50
CA UNK A 47 -29.97 15.44 9.20
C UNK A 47 -29.59 16.78 8.59
N UNK A 48 -28.29 16.98 8.35
CA UNK A 48 -27.80 18.22 7.78
C UNK A 48 -28.49 18.48 6.44
N UNK A 49 -28.55 17.45 5.59
CA UNK A 49 -29.17 17.57 4.29
C UNK A 49 -30.61 18.02 4.44
N UNK A 50 -31.35 17.39 5.36
CA UNK A 50 -32.74 17.74 5.60
C UNK A 50 -32.85 19.22 5.97
N UNK A 51 -32.00 19.67 6.88
CA UNK A 51 -32.01 21.06 7.31
C UNK A 51 -31.83 21.98 6.11
N UNK A 52 1.58 17.48 19.25
CA UNK A 52 0.78 16.53 20.00
C UNK A 52 0.76 15.19 19.27
N UNK A 53 0.51 15.23 17.95
CA UNK A 53 0.46 14.02 17.15
C UNK A 53 1.77 13.25 17.29
N UNK A 54 2.90 13.96 17.15
CA UNK A 54 4.21 13.35 17.26
C UNK A 54 4.35 12.63 18.59
N UNK A 55 3.96 13.32 19.68
CA UNK A 55 4.05 12.75 21.01
C UNK A 55 3.26 11.45 21.07
N UNK A 56 2.03 11.46 20.55
CA UNK A 56 1.18 10.30 20.56
C UNK A 56 1.88 9.14 19.85
N UNK A 57 2.45 9.42 18.67
CA UNK A 57 3.15 8.41 17.91
C UNK A 57 4.26 7.78 18.74
N UNK A 58 5.06 8.63 19.39
CA UNK A 58 6.15 8.17 20.22
C UNK A 58 5.64 7.23 21.29
N UNK A 59 4.55 7.62 21.97
CA UNK A 59 3.97 6.81 23.01
C UNK A 59 3.60 5.43 22.46
N UNK A 60 2.94 5.41 21.30
CA UNK A 60 2.53 4.17 20.67
C UNK A 60 3.75 3.28 20.45
N UNK A 61 4.82 3.85 19.91
CA UNK A 61 6.05 3.11 19.64
C UNK A 61 6.55 2.48 20.93
N UNK A 62 6.60 3.26 22.00
CA UNK A 62 7.07 2.78 23.28
C UNK A 62 6.25 1.57 23.72
N UNK A 63 4.92 1.68 23.62
CA UNK A 63 4.03 0.61 24.00
C UNK A 63 4.37 -0.65 23.22
N UNK A 64 4.55 -0.51 21.90
CA UNK A 64 4.88 -1.64 21.06
C UNK A 64 6.15 -2.31 21.55
N UNK A 65 7.18 -1.51 21.83
CA UNK A 65 8.45 -2.04 22.30
C UNK A 65 8.23 -2.86 23.57
N UNK A 66 7.47 -2.31 24.51
CA UNK A 66 7.18 -2.99 25.76
C UNK A 66 6.55 -4.34 25.49
N UNK A 67 5.56 -4.37 24.60
CA UNK A 67 4.88 -5.60 24.26
C UNK A 67 5.87 -6.63 23.74
N UNK A 68 6.75 -6.21 22.84
CA UNK A 68 7.75 -7.08 22.27
C UNK A 68 8.60 -7.68 23.38
N UNK A 69 9.06 -6.84 24.31
CA UNK A 69 9.89 -7.29 25.41
C UNK A 69 9.16 -8.37 26.20
N UNK A 70 7.89 -8.13 26.52
CA UNK A 70 7.08 -9.07 27.26
C UNK A 70 7.05 -10.41 26.53
N UNK A 71 6.80 -10.38 25.23
CA UNK A 71 6.75 -11.59 24.42
C UNK A 71 8.06 -12.36 24.55
N UNK A 72 -13.45 12.28 15.26
CA UNK A 72 -12.54 11.28 14.75
C UNK A 72 -11.54 10.87 15.81
N UNK A 73 -10.96 11.85 16.49
CA UNK A 73 -9.99 11.60 17.54
C UNK A 73 -10.60 10.70 18.61
N UNK A 74 -11.81 11.03 19.04
CA UNK A 74 -12.51 10.26 20.05
C UNK A 74 -12.64 8.82 19.61
N UNK A 75 -13.07 8.61 18.36
CA UNK A 75 -13.25 7.28 17.82
C UNK A 75 -11.94 6.51 17.90
N UNK A 76 -10.84 7.15 17.48
CA UNK A 76 -9.53 6.52 17.50
C UNK A 76 -9.19 6.06 18.92
N UNK A 77 -9.42 6.95 19.90
CA UNK A 77 -9.14 6.63 21.28
C UNK A 77 -9.91 5.40 21.71
N UNK A 78 -11.22 5.56 21.96
CA UNK A 78 -12.06 4.45 22.36
C UNK A 78 -12.00 3.33 21.32
N UNK A 79 -12.13 3.70 20.05
CA UNK A 79 -12.10 2.73 18.97
C UNK A 79 -10.79 1.95 19.02
N UNK A 80 -9.68 2.67 19.16
CA UNK A 80 -8.37 2.04 19.22
C UNK A 80 -8.33 1.02 20.34
N UNK A 81 -8.81 1.41 21.53
CA UNK A 81 -8.83 0.53 22.68
C UNK A 81 -9.59 -0.75 22.35
N UNK A 82 -10.78 -0.59 21.74
CA UNK A 82 -11.61 -1.73 21.38
C UNK A 82 -10.82 -2.68 20.47
N UNK A 83 -10.16 -2.12 19.46
CA UNK A 83 -9.39 -2.90 18.52
C UNK A 83 -8.33 -3.72 19.27
N UNK A 84 -7.61 -3.05 20.18
CA UNK A 84 -6.58 -3.72 20.96
C UNK A 84 -7.17 -4.91 21.72
N UNK A 85 -8.31 -4.68 22.37
CA UNK A 85 -8.97 -5.73 23.12
C UNK A 85 -9.27 -6.92 22.22
N UNK A 86 -9.82 -6.65 21.03
CA UNK A 86 -10.15 -7.69 20.09
C UNK A 86 -8.91 -8.51 19.75
N UNK A 87 -46.43 10.31 7.59
CA UNK A 87 -44.98 10.43 7.73
C UNK A 87 -44.40 9.11 8.20
N UNK A 88 -45.01 8.51 9.23
CA UNK A 88 -44.55 7.25 9.77
C UNK A 88 -44.50 6.19 8.68
N UNK A 89 -45.59 6.10 7.90
CA UNK A 89 -45.68 5.14 6.82
C UNK A 89 -44.51 5.32 5.85
N UNK A 90 -44.25 6.57 5.46
CA UNK A 90 -43.17 6.89 4.55
C UNK A 90 -41.86 6.38 5.10
N UNK A 91 -41.60 6.66 6.39
CA UNK A 91 -40.37 6.22 7.03
C UNK A 91 -40.24 4.71 6.93
N UNK A 92 -41.31 3.99 7.24
CA UNK A 92 -41.30 2.54 7.19
C UNK A 92 -40.91 2.07 5.79
N UNK A 93 -41.53 2.67 4.76
CA UNK A 93 -41.24 2.31 3.39
C UNK A 93 -39.76 2.48 3.10
N UNK A 94 -39.20 3.63 3.51
CA UNK A 94 -37.79 3.91 3.29
C UNK A 94 -36.93 2.83 3.92
N UNK A 95 -37.25 2.46 5.16
CA UNK A 95 -36.51 1.42 5.86
C UNK A 95 -36.53 0.13 5.07
N UNK A 96 -37.71 -0.26 4.59
CA UNK A 96 -37.86 -1.47 3.82
C UNK A 96 -36.95 -1.44 2.59
N UNK A 97 -36.95 -0.31 1.87
CA UNK A 97 -36.13 -0.14 0.69
C UNK A 97 -34.66 -0.36 1.05
N UNK A 98 -33.96 0.72 1.38
CA UNK A 98 -32.56 0.64 1.74
C UNK A 98 -32.37 -0.32 2.90
N UNK A 99 -33.21 -0.18 3.94
CA UNK A 99 -33.12 -1.04 5.10
C UNK A 99 -33.25 -2.50 4.70
N UNK A 100 -34.25 -2.80 3.85
CA UNK A 100 -34.48 -4.15 3.39
C UNK A 100 -33.24 -4.69 2.71
N UNK A 101 -32.63 -3.88 1.82
CA UNK A 101 -31.44 -4.29 1.11
C UNK A 101 -30.34 -4.65 2.09
N UNK A 102 -30.13 -3.80 3.10
CA UNK A 102 -29.12 -4.03 4.11
C UNK A 102 -29.35 -5.38 4.78
N UNK A 103 -30.60 -5.65 5.18
CA UNK A 103 -30.95 -6.88 5.84
C UNK A 103 -30.57 -8.07 4.95
N UNK A 104 -30.93 -7.99 3.67
CA UNK A 104 -30.62 -9.05 2.73
C UNK A 104 -29.12 -9.32 2.69
N UNK A 105 -28.33 -8.23 2.60
CA UNK A 105 -26.89 -8.35 2.56
C UNK A 105 -26.39 -9.09 3.80
N UNK A 106 -26.89 -8.70 4.97
CA UNK A 106 -26.49 -9.33 6.22
C UNK A 106 -26.77 -10.83 6.16
N UNK A 107 -27.97 -11.20 5.71
CA UNK A 107 -28.35 -12.58 5.61
C UNK A 107 -27.36 -13.34 4.74
N UNK A 108 -27.02 -12.77 3.58
CA UNK A 108 -26.09 -13.39 2.66
C UNK A 108 -24.76 -13.63 3.36
N UNK A 109 -24.26 -12.63 4.07
CA UNK A 109 -23.00 -12.75 4.79
C UNK A 109 -23.06 -13.92 5.76
N UNK A 110 -24.15 -14.00 6.52
CA UNK A 110 -24.32 -15.08 7.49
C UNK A 110 -24.23 -16.42 6.80
N UNK A 111 -24.94 -16.57 5.67
CA UNK A 111 -24.94 -17.80 4.91
C UNK A 111 -23.50 -18.18 4.53
N UNK A 112 -22.75 -17.21 4.00
CA UNK A 112 -21.39 -17.44 3.60
C UNK A 112 -20.57 -17.97 4.76
N UNK A 113 -20.71 -17.33 5.93
CA UNK A 113 -19.99 -17.74 7.12
C UNK A 113 -20.30 -19.19 7.44
N UNK A 114 -21.58 -19.55 7.42
CA UNK A 114 -22.00 -20.91 7.70
C UNK A 114 -21.32 -21.88 6.76
N UNK A 115 -21.31 -21.56 5.47
CA UNK A 115 -20.69 -22.40 4.47
C UNK A 115 -19.23 -22.63 4.82
N UNK A 116 -18.52 -21.54 5.15
CA UNK A 116 -17.11 -21.61 5.49
C UNK A 116 -16.91 -22.58 6.66
N UNK A 117 -17.74 -22.44 7.70
CA UNK A 117 -17.65 -23.29 8.87
C UNK A 117 -17.79 -24.75 8.46
N UNK A 118 -18.79 -25.05 7.62
CA UNK A 118 -19.03 -26.40 7.16
C UNK A 118 -17.78 -26.94 6.48
N UNK A 119 -8.03 12.25 -6.20
CA UNK A 119 -7.18 11.18 -5.71
C UNK A 119 -7.82 10.53 -4.48
N UNK A 120 -8.30 11.35 -3.55
CA UNK A 120 -8.93 10.85 -2.34
C UNK A 120 -10.11 9.95 -2.70
N UNK A 121 -10.95 10.42 -3.64
CA UNK A 121 -12.11 9.66 -4.06
C UNK A 121 -11.69 8.30 -4.59
N UNK A 122 -10.65 8.28 -5.44
CA UNK A 122 -10.15 7.05 -6.00
C UNK A 122 -9.75 6.09 -4.89
N UNK A 123 -9.00 6.60 -3.91
CA UNK A 123 -8.55 5.79 -2.79
C UNK A 123 -9.74 5.16 -2.09
N UNK A 124 -10.76 5.97 -1.81
CA UNK A 124 -11.96 5.49 -1.15
C UNK A 124 -12.57 4.34 -1.93
N UNK A 125 -13.10 4.65 -3.12
CA UNK A 125 -13.71 3.64 -3.97
C UNK A 125 -12.72 2.53 -4.26
N UNK A 126 -11.50 2.90 -4.63
CA UNK A 126 -10.46 1.93 -4.94
C UNK A 126 -10.23 1.01 -3.75
N UNK A 127 -10.11 1.60 -2.55
CA UNK A 127 -9.89 0.83 -1.34
C UNK A 127 -11.00 -0.18 -1.15
N UNK A 128 -12.26 0.26 -1.32
CA UNK A 128 -13.40 -0.62 -1.17
C UNK A 128 -13.28 -1.80 -2.12
N UNK A 129 -12.96 -1.52 -3.39
CA UNK A 129 -12.82 -2.55 -4.39
C UNK A 129 -11.78 -3.58 -3.94
N UNK A 130 -10.63 -3.10 -3.46
CA UNK A 130 -9.56 -3.97 -3.00
C UNK A 130 -10.08 -4.89 -1.90
N UNK A 131 -10.80 -4.31 -0.93
CA UNK A 131 -11.34 -5.07 0.17
C UNK A 131 -12.24 -6.19 -0.35
N UNK A 132 -13.13 -5.85 -1.29
CA UNK A 132 -14.03 -6.82 -1.87
C UNK A 132 -13.25 -7.97 -2.49
N UNK A 133 -12.21 -7.64 -3.26
CA UNK A 133 -11.39 -8.65 -3.89
C UNK A 133 -10.80 -9.59 -2.86
N UNK A 134 -10.26 -9.02 -1.77
CA UNK A 134 -9.67 -9.81 -0.71
C UNK A 134 -10.70 -10.78 -0.16
N UNK A 135 -11.91 -10.29 0.12
CA UNK A 135 -12.97 -11.12 0.65
C UNK A 135 -13.25 -12.29 -0.28
N UNK A 136 -13.35 -12.01 -1.58
CA UNK A 136 -13.60 -13.04 -2.57
C UNK A 136 -12.53 -14.12 -2.50
N UNK A 137 -11.26 -13.69 -2.44
CA UNK A 137 -10.15 -14.60 -2.37
C UNK A 137 -10.29 -15.52 -1.16
N UNK A 138 -10.61 -14.92 -0.01
CA UNK A 138 -10.78 -15.68 1.22
C UNK A 138 -11.84 -16.74 1.03
N UNK A 139 -12.98 -16.36 0.45
CA UNK A 139 -14.07 -17.28 0.22
C UNK A 139 -13.60 -18.46 -0.62
N UNK A 140 -12.87 -18.16 -1.71
CA UNK A 140 -12.35 -19.19 -2.58
C UNK A 140 -11.49 -20.16 -1.80
N UNK A 141 -10.59 -19.64 -0.97
CA UNK A 141 -9.71 -20.47 -0.17
C UNK A 141 -10.53 -21.40 0.70
N UNK A 142 -11.55 -20.86 1.38
CA UNK A 142 -12.41 -21.65 2.24
C UNK A 142 -13.02 -22.80 1.45
N UNK A 143 -38.59 -18.33 13.64
CA UNK A 143 -39.39 -17.67 14.66
C UNK A 143 -38.50 -16.94 15.64
N UNK A 144 -37.45 -17.62 16.12
CA UNK A 144 -36.52 -17.03 17.06
C UNK A 144 -35.92 -15.75 16.49
N UNK A 145 -35.48 -15.82 15.24
CA UNK A 145 -34.88 -14.68 14.58
C UNK A 145 -35.87 -13.51 14.58
N UNK A 146 -37.11 -13.78 14.21
CA UNK A 146 -38.13 -12.75 14.18
C UNK A 146 -38.27 -12.09 15.54
N UNK A 147 -38.34 -12.91 16.59
CA UNK A 147 -38.47 -12.41 17.94
C UNK A 147 -37.32 -11.47 18.26
N UNK A 148 -36.09 -11.88 17.93
CA UNK A 148 -34.92 -11.07 18.19
C UNK A 148 -35.05 -9.72 17.51
N UNK A 149 -35.47 -9.73 16.23
CA UNK A 149 -35.63 -8.51 15.48
C UNK A 149 -36.61 -7.59 16.18
N UNK A 150 -37.74 -8.14 16.62
CA UNK A 150 -38.76 -7.36 17.31
C UNK A 150 -38.15 -6.69 18.54
N UNK A 151 -37.40 -7.46 19.33
CA UNK A 151 -36.77 -6.95 20.53
C UNK A 151 -35.88 -5.77 20.18
N UNK A 152 -34.61 -6.04 19.88
CA UNK A 152 -33.65 -5.00 19.54
C UNK A 152 -34.17 -4.20 18.35
N UNK A 153 -34.63 -4.91 17.31
CA UNK A 153 -35.14 -4.26 16.12
C UNK A 153 -36.27 -3.32 16.48
N UNK A 154 -37.21 -3.80 17.31
CA UNK A 154 -38.34 -2.99 17.73
C UNK A 154 -37.86 -1.71 18.39
N UNK A 155 -36.90 -1.85 19.32
CA UNK A 155 -36.35 -0.71 20.03
C UNK A 155 -35.80 0.31 19.03
N UNK A 156 -35.03 -0.17 18.05
CA UNK A 156 -34.44 0.70 17.05
C UNK A 156 -35.54 1.48 16.33
N UNK A 157 -36.60 0.77 15.92
CA UNK A 157 -37.70 1.39 15.22
C UNK A 157 -38.29 2.51 16.06
N UNK A 158 -38.53 2.24 17.35
CA UNK A 158 -39.09 3.21 18.26
C UNK A 158 -38.21 4.46 18.29
N UNK A 159 -36.90 4.25 18.43
CA UNK A 159 -35.96 5.36 18.47
C UNK A 159 -36.09 6.21 17.21
N UNK A 160 -36.14 5.56 16.05
CA UNK A 160 -36.26 6.26 14.79
C UNK A 160 -37.51 7.13 14.79
N UNK A 161 -38.64 6.56 15.23
CA UNK A 161 -39.89 7.28 15.29
C UNK A 161 -39.74 8.52 16.14
N UNK A 162 -39.14 8.38 17.32
CA UNK A 162 -38.93 9.48 18.23
C UNK A 162 -38.15 10.59 17.52
N UNK A 163 -37.06 10.21 16.85
CA UNK A 163 -36.24 11.17 16.14
C UNK A 163 -37.07 11.95 15.13
N UNK A 164 -37.89 11.23 14.35
CA UNK A 164 -38.73 11.84 13.36
C UNK A 164 -39.64 12.88 14.01
N UNK A 165 -40.27 12.50 15.12
CA UNK A 165 -41.17 13.39 15.84
C UNK A 165 -40.43 14.67 16.23
N UNK A 166 -39.23 14.52 16.78
CA UNK A 166 -38.43 15.65 17.19
C UNK A 166 -38.19 16.58 16.01
N UNK A 167 -37.80 16.01 14.87
CA UNK A 167 -37.55 16.79 13.68
C UNK A 167 -38.79 17.60 13.30
N UNK A 168 -39.95 16.95 13.31
CA UNK A 168 -41.20 17.61 12.97
C UNK A 168 -41.43 18.80 13.88
N UNK A 169 -2.12 -22.67 0.85
CA UNK A 169 -2.44 -22.17 2.17
C UNK A 169 -1.70 -20.86 2.42
N UNK A 170 -0.41 -20.83 2.11
CA UNK A 170 0.40 -19.64 2.30
C UNK A 170 -0.21 -18.47 1.54
N UNK A 171 -0.58 -18.70 0.28
CA UNK A 171 -1.16 -17.66 -0.54
C UNK A 171 -2.41 -17.11 0.12
N UNK A 172 -3.28 -18.00 0.60
CA UNK A 172 -4.51 -17.60 1.26
C UNK A 172 -4.20 -16.70 2.44
N UNK A 173 -3.23 -17.11 3.26
CA UNK A 173 -2.84 -16.33 4.42
C UNK A 173 -2.42 -14.93 4.01
N UNK A 174 -1.59 -14.84 2.97
CA UNK A 174 -1.13 -13.56 2.47
C UNK A 174 -2.31 -12.68 2.09
N UNK A 175 -3.26 -13.25 1.35
CA UNK A 175 -4.44 -12.52 0.92
C UNK A 175 -5.17 -11.96 2.14
N UNK A 176 -5.37 -12.79 3.16
CA UNK A 176 -6.05 -12.38 4.36
C UNK A 176 -5.35 -11.18 4.98
N UNK A 177 -4.02 -11.27 5.09
CA UNK A 177 -3.24 -10.19 5.67
C UNK A 177 -3.47 -8.90 4.89
N UNK A 178 -3.43 -8.98 3.57
CA UNK A 178 -3.64 -7.82 2.72
C UNK A 178 -5.01 -7.19 3.03
N UNK A 179 -6.04 -8.03 3.11
CA UNK A 179 -7.38 -7.56 3.39
C UNK A 179 -7.41 -6.80 4.71
N UNK A 180 -6.78 -7.37 5.73
CA UNK A 180 -6.73 -6.75 7.05
C UNK A 180 -6.10 -5.37 6.94
N UNK A 181 -4.97 -5.28 6.24
CA UNK A 181 -4.27 -4.01 6.06
C UNK A 181 -5.21 -2.99 5.44
N UNK A 182 -5.92 -3.38 4.37
CA UNK A 182 -6.84 -2.50 3.69
C UNK A 182 -7.87 -1.97 4.66
N UNK A 183 -8.45 -2.87 5.48
CA UNK A 183 -9.45 -2.48 6.44
C UNK A 183 -8.89 -1.43 7.39
N UNK A 184 -7.68 -1.67 7.89
CA UNK A 184 -7.04 -0.73 8.80
C UNK A 184 -6.93 0.64 8.15
N UNK A 185 -6.46 0.68 6.90
CA UNK A 185 -6.31 1.92 6.17
C UNK A 185 -7.64 2.65 6.12
N UNK A 186 -8.55 2.18 5.27
CA UNK A 186 -9.85 2.79 5.12
C UNK A 186 -10.57 2.84 6.46
N UNK A 187 -10.56 1.71 7.19
CA UNK A 187 -11.20 1.64 8.48
C UNK A 187 -10.64 2.70 9.41
N UNK A 188 -9.30 2.82 9.46
CA UNK A 188 -8.64 3.79 10.31
C UNK A 188 -9.15 5.19 9.97
N UNK A 189 -9.20 5.52 8.68
CA UNK A 189 -9.65 6.81 8.24
C UNK A 189 -11.05 7.09 8.76
N UNK A 190 -11.94 6.10 8.61
CA UNK A 190 -13.31 6.24 9.06
C UNK A 190 -13.34 6.56 10.54
N UNK A 191 -12.56 5.82 11.33
CA UNK A 191 -12.50 6.03 12.77
C UNK A 191 -12.10 7.47 13.07
N UNK A 192 -11.06 7.95 12.39
CA UNK A 192 -10.58 9.30 12.59
C UNK A 192 -11.70 10.30 12.32
N UNK A 193 -12.42 10.12 11.22
CA UNK A 193 -13.51 10.99 10.87
C UNK A 193 -14.54 11.04 11.99
N UNK A 194 -14.91 9.86 12.50
CA UNK A 194 -15.88 9.76 13.57
C UNK A 194 -15.41 10.58 14.78
N UNK A 195 -14.15 10.40 15.15
CA UNK A 195 -13.58 11.12 16.28
C UNK A 195 -13.73 12.62 16.07
N UNK A 196 -6.11 23.87 0.02
CA UNK A 196 -5.49 22.73 -0.63
C UNK A 196 -4.37 22.18 0.24
N UNK A 197 -3.52 23.07 0.76
CA UNK A 197 -2.42 22.66 1.62
C UNK A 197 -2.95 21.89 2.82
N UNK A 198 -3.99 22.42 3.46
CA UNK A 198 -4.58 21.77 4.62
C UNK A 198 -5.03 20.36 4.27
N UNK A 199 -5.72 20.23 3.13
CA UNK A 199 -6.20 18.93 2.68
C UNK A 199 -5.04 17.96 2.55
N UNK A 200 -3.96 18.41 1.90
CA UNK A 200 -2.78 17.58 1.71
C UNK A 200 -2.26 17.09 3.05
N UNK A 201 -2.14 18.01 4.01
CA UNK A 201 -1.66 17.66 5.34
C UNK A 201 -2.51 16.56 5.94
N UNK A 202 -3.84 16.73 5.86
CA UNK A 202 -4.76 15.76 6.40
C UNK A 202 -4.51 14.39 5.79
N UNK A 203 -4.37 14.35 4.47
CA UNK A 203 -4.12 13.11 3.75
C UNK A 203 -2.86 12.44 4.30
N UNK A 204 -1.79 13.22 4.45
CA UNK A 204 -0.53 12.71 4.96
C UNK A 204 -0.75 12.07 6.32
N UNK A 205 -1.46 12.77 7.21
CA UNK A 205 -1.73 12.27 8.54
C UNK A 205 -2.43 10.93 8.46
N UNK A 206 -3.46 10.83 7.62
CA UNK A 206 -4.20 9.60 7.45
C UNK A 206 -3.27 8.47 7.06
N UNK A 207 -2.40 8.73 6.07
CA UNK A 207 -1.45 7.73 5.60
C UNK A 207 -0.59 7.24 6.76
N UNK A 208 0.37 8.06 7.18
CA UNK A 208 1.26 7.70 8.26
C UNK A 208 0.44 7.39 9.52
N UNK A 209 -0.52 8.26 9.84
CA UNK A 209 -1.35 8.08 11.01
C UNK A 209 -2.06 6.74 10.93
N UNK A 210 -2.64 6.43 9.77
CA UNK A 210 -3.35 5.18 9.59
C UNK A 210 -2.42 4.01 9.87
N UNK A 211 -1.20 4.05 9.32
CA UNK A 211 -0.24 2.99 9.52
C UNK A 211 0.02 2.80 11.02
N UNK A 212 0.24 3.90 11.74
CA UNK A 212 0.50 3.85 13.16
C UNK A 212 -0.65 3.14 13.87
N UNK A 213 -1.89 3.52 13.54
CA UNK A 213 -3.06 2.93 14.14
C UNK A 213 -3.06 1.43 13.93
N UNK A 214 -2.79 0.99 12.70
CA UNK A 214 -2.75 -0.41 12.36
C UNK A 214 -1.74 -1.13 13.24
N UNK A 215 -0.54 -0.56 13.37
CA UNK A 215 0.51 -1.14 14.18
C UNK A 215 0.02 -1.34 15.61
N UNK A 216 -0.61 -0.30 16.17
CA UNK A 216 -1.12 -0.36 17.52
C UNK A 216 -2.10 -1.51 17.67
N UNK A 217 -3.02 -1.64 16.71
CA UNK A 217 -4.00 -2.71 16.74
C UNK A 217 -3.31 -4.06 16.78
N UNK A 218 -2.30 -4.24 15.91
CA UNK A 218 -1.56 -5.49 15.86
C UNK A 218 -0.96 -5.80 17.23
N UNK A 219 -0.33 -4.81 17.84
CA UNK A 219 0.28 -4.98 19.14
C UNK A 219 -0.75 -5.46 20.15
N UNK A 220 -1.92 -4.81 20.16
CA UNK A 220 -2.99 -5.18 21.07
C UNK A 220 -3.36 -6.65 20.88
N UNK A 221 -3.53 -7.06 19.62
CA UNK A 221 -3.89 -8.43 19.31
C UNK A 221 -2.86 -9.38 19.89
N UNK A 222 -1.57 -9.07 19.68
CA UNK A 222 -0.50 -9.90 20.18
C UNK A 222 -0.61 -10.06 21.69
N UNK A 223 -31.72 -7.70 18.91
CA UNK A 223 -32.78 -6.98 19.58
C UNK A 223 -32.22 -6.24 20.78
N UNK A 224 -31.42 -6.93 21.59
CA UNK A 224 -30.83 -6.33 22.78
C UNK A 224 -30.03 -5.09 22.39
N UNK A 225 -29.19 -5.22 21.35
CA UNK A 225 -28.37 -4.13 20.89
C UNK A 225 -29.25 -2.93 20.53
N UNK A 226 -30.32 -3.19 19.79
CA UNK A 226 -31.24 -2.13 19.37
C UNK A 226 -31.78 -1.41 20.61
N UNK A 227 -32.22 -2.18 21.60
CA UNK A 227 -32.76 -1.62 22.83
C UNK A 227 -31.74 -0.69 23.47
N UNK A 228 -30.50 -1.16 23.57
CA UNK A 228 -29.43 -0.37 24.17
C UNK A 228 -29.28 0.95 23.44
N UNK A 229 -28.66 0.91 22.26
CA UNK A 229 -28.46 2.11 21.47
C UNK A 229 -29.80 2.65 20.96
N UNK A 230 -30.63 1.75 20.42
CA UNK A 230 -31.93 2.13 19.92
C UNK A 230 -32.74 2.80 21.01
N UNK A 231 -32.76 2.20 22.20
CA UNK A 231 -33.50 2.74 23.32
C UNK A 231 -33.03 4.17 23.62
N UNK A 232 -31.72 4.36 23.67
CA UNK A 232 -31.14 5.66 23.94
C UNK A 232 -31.65 6.68 22.93
N UNK A 233 -31.60 6.31 21.65
CA UNK A 233 -32.05 7.18 20.57
C UNK A 233 -33.49 7.59 20.81
N UNK A 234 -34.35 6.62 21.13
CA UNK A 234 -35.75 6.89 21.38
C UNK A 234 -35.90 7.91 22.49
N UNK A 235 -35.17 7.71 23.59
CA UNK A 235 -35.22 8.62 24.72
C UNK A 235 -34.87 10.03 24.27
N UNK A 236 -33.79 10.17 23.50
CA UNK A 236 -33.36 11.46 23.01
C UNK A 236 -34.48 12.12 22.23
N UNK A 237 -35.12 11.37 21.32
CA UNK A 237 -36.20 11.89 20.52
C UNK A 237 -37.30 12.42 21.40
N UNK A 238 -37.68 11.64 22.42
CA UNK A 238 -38.73 12.04 23.34
C UNK A 238 -38.38 13.37 23.99
N UNK A 239 -37.14 13.49 24.47
CA UNK A 239 -36.69 14.71 25.11
C UNK A 239 -36.84 15.89 24.16
N UNK A 240 -36.41 15.72 22.91
CA UNK A 240 -36.51 16.77 21.92
C UNK A 240 -37.96 17.22 21.78
N UNK A 241 -10.61 -25.90 15.02
CA UNK A 241 -11.56 -25.63 13.95
C UNK A 241 -12.63 -24.66 14.46
N UNK A 242 -13.17 -24.93 15.64
CA UNK A 242 -14.19 -24.09 16.23
C UNK A 242 -13.69 -22.66 16.35
N UNK A 243 -12.48 -22.50 16.87
CA UNK A 243 -11.87 -21.19 17.05
C UNK A 243 -11.82 -20.46 15.72
N UNK A 244 -11.35 -21.15 14.68
CA UNK A 244 -11.25 -20.57 13.35
C UNK A 244 -12.61 -20.07 12.90
N UNK A 245 -13.64 -20.89 13.06
CA UNK A 245 -14.99 -20.53 12.67
C UNK A 245 -15.40 -19.25 13.37
N UNK A 246 -15.17 -19.18 14.68
CA UNK A 246 -15.52 -18.01 15.46
C UNK A 246 -14.85 -16.76 14.88
N UNK A 247 -13.55 -16.88 14.60
CA UNK A 247 -12.80 -15.77 14.04
C UNK A 247 -13.44 -15.29 12.74
N UNK A 248 -13.78 -16.24 11.86
CA UNK A 248 -14.40 -15.91 10.60
C UNK A 248 -15.69 -15.12 10.83
N UNK A 249 -16.52 -15.60 11.75
CA UNK A 249 -17.77 -14.94 12.07
C UNK A 249 -17.51 -13.50 12.49
N UNK A 250 -16.54 -13.30 13.38
CA UNK A 250 -16.20 -11.97 13.86
C UNK A 250 -15.84 -11.07 12.68
N UNK A 251 -15.00 -11.57 11.79
CA UNK A 251 -14.57 -10.82 10.62
C UNK A 251 -15.79 -10.38 9.81
N UNK A 252 -16.72 -11.31 9.56
CA UNK A 252 -17.91 -11.02 8.81
C UNK A 252 -18.69 -9.89 9.47
N UNK A 253 -18.86 -9.97 10.79
CA UNK A 253 -19.58 -8.95 11.54
C UNK A 253 -18.93 -7.59 11.32
N UNK A 254 -17.60 -7.54 11.44
CA UNK A 254 -16.87 -6.31 11.26
C UNK A 254 -17.16 -5.72 9.88
N UNK A 255 -34.66 10.16 14.24
CA UNK A 255 -35.24 8.83 14.35
C UNK A 255 -34.94 8.03 13.09
N UNK A 256 -35.17 8.64 11.94
CA UNK A 256 -34.93 7.98 10.66
C UNK A 256 -33.49 7.51 10.58
N UNK A 257 -32.56 8.40 10.93
CA UNK A 257 -31.14 8.08 10.89
C UNK A 257 -30.86 6.86 11.76
N UNK A 258 -31.40 6.86 12.98
CA UNK A 258 -31.21 5.75 13.90
C UNK A 258 -31.68 4.45 13.26
N UNK A 259 -32.87 4.47 12.66
CA UNK A 259 -33.44 3.30 12.02
C UNK A 259 -32.47 2.79 10.95
N UNK A 260 -31.96 3.69 10.12
CA UNK A 260 -31.05 3.32 9.06
C UNK A 260 -29.83 2.61 9.65
N UNK A 261 -28.84 3.39 10.09
CA UNK A 261 -27.63 2.85 10.67
C UNK A 261 -27.98 1.95 11.86
N UNK A 262 -28.85 2.44 12.73
CA UNK A 262 -29.26 1.69 13.90
C UNK A 262 -29.86 0.36 13.49
N UNK A 263 -30.75 0.38 12.49
CA UNK A 263 -31.39 -0.82 12.01
C UNK A 263 -30.33 -1.82 11.54
N UNK A 264 -29.36 -1.34 10.76
CA UNK A 264 -28.30 -2.19 10.26
C UNK A 264 -27.58 -2.86 11.41
N UNK A 265 -27.22 -2.08 12.44
CA UNK A 265 -26.52 -2.60 13.60
C UNK A 265 -27.33 -3.73 14.23
N UNK A 266 -28.63 -3.49 14.42
CA UNK A 266 -29.51 -4.48 15.02
C UNK A 266 -29.46 -5.77 14.22
N UNK A 267 -29.57 -5.66 12.89
CA UNK A 267 -29.53 -6.81 12.01
C UNK A 267 -28.24 -7.60 12.23
N UNK A 268 -27.12 -6.89 12.26
CA UNK A 268 -25.82 -7.51 12.46
C UNK A 268 -25.82 -8.30 13.76
N UNK A 269 -26.46 -25.72 17.69
CA UNK A 269 -27.14 -25.15 16.54
C UNK A 269 -27.97 -23.95 16.97
N UNK A 270 -28.73 -24.11 18.06
CA UNK A 270 -29.57 -23.04 18.57
C UNK A 270 -28.73 -21.81 18.87
N UNK A 271 -27.60 -22.02 19.56
CA UNK A 271 -26.70 -20.92 19.91
C UNK A 271 -26.26 -20.19 18.65
N UNK A 272 -25.85 -20.94 17.63
CA UNK A 272 -25.41 -20.36 16.38
C UNK A 272 -26.50 -19.48 15.79
N UNK A 273 -27.73 -20.00 15.76
CA UNK A 273 -28.86 -19.25 15.23
C UNK A 273 -29.02 -17.94 15.96
N UNK A 274 -28.97 -17.99 17.29
CA UNK A 274 -29.10 -16.81 18.11
C UNK A 274 -28.05 -15.77 17.73
N UNK A 275 -26.80 -16.23 17.59
CA UNK A 275 -25.71 -15.35 17.22
C UNK A 275 -26.00 -14.66 15.91
N UNK A 276 -26.45 -15.43 14.92
CA UNK A 276 -26.78 -14.90 13.61
C UNK A 276 -27.83 -13.80 13.73
N UNK A 277 -28.88 -14.07 14.50
CA UNK A 277 -29.95 -13.10 14.71
C UNK A 277 -29.38 -11.80 15.27
N UNK A 278 -28.52 -11.92 16.29
CA UNK A 278 -27.91 -10.75 16.90
C UNK A 278 -27.16 -9.95 15.87
N UNK A 279 -26.36 -10.62 15.04
CA UNK A 279 -25.59 -9.96 14.01
C UNK A 279 -26.51 -9.17 13.08
N UNK A 280 -27.61 -9.81 12.65
CA UNK A 280 -28.56 -9.18 11.77
C UNK A 280 -29.09 -7.89 12.41
N UNK A 281 -14.80 5.68 -18.28
CA UNK A 281 -15.01 4.33 -18.79
C UNK A 281 -13.71 3.54 -18.71
N UNK A 282 -12.61 4.16 -19.18
CA UNK A 282 -11.31 3.52 -19.16
C UNK A 282 -10.94 3.10 -17.74
N UNK A 283 -11.13 4.02 -16.79
CA UNK A 283 -10.82 3.75 -15.39
C UNK A 283 -11.60 2.53 -14.91
N UNK A 284 -12.90 2.49 -15.22
CA UNK A 284 -13.75 1.39 -14.82
C UNK A 284 -13.19 0.08 -15.36
N UNK A 285 -12.82 0.07 -16.64
CA UNK A 285 -12.29 -1.11 -17.27
C UNK A 285 -11.05 -1.60 -16.52
N UNK A 286 -10.14 -0.66 -16.21
CA UNK A 286 -8.93 -0.98 -15.49
C UNK A 286 -9.27 -1.65 -14.17
N UNK A 287 -10.21 -1.08 -13.42
CA UNK A 287 -10.62 -1.62 -12.15
C UNK A 287 -11.09 -3.05 -12.31
N UNK A 288 -11.94 -3.29 -13.32
CA UNK A 288 -12.45 -4.63 -13.58
C UNK A 288 -11.31 -5.60 -13.80
N UNK A 289 -10.07 -5.10 -13.72
CA UNK A 289 -8.89 -5.92 -13.91
C UNK A 289 -9.30 -7.36 -14.20
N UNK A 290 -10.61 -7.61 -14.22
CA UNK A 290 -11.13 -8.94 -14.49
C UNK A 290 -9.99 -9.92 -14.71
N UNK A 291 -9.01 -9.51 -15.54
CA UNK A 291 -7.87 -10.36 -15.83
C UNK A 291 -7.15 -10.72 -14.54
N UNK A 292 -6.91 -9.73 -13.68
CA UNK A 292 -6.24 -9.95 -12.42
C UNK A 292 -6.98 -10.99 -11.60
N UNK A 293 -8.30 -10.85 -11.51
CA UNK A 293 -9.13 -11.77 -10.75
C UNK A 293 -8.94 -13.19 -11.28
N UNK A 294 -8.98 -13.34 -12.61
CA UNK A 294 -8.83 -14.63 -13.23
C UNK A 294 -7.50 -15.25 -12.82
N UNK A 295 -6.43 -14.46 -12.89
CA UNK A 295 -5.10 -14.91 -12.53
C UNK A 295 -5.10 -15.43 -11.09
N UNK A 296 -5.69 -14.67 -10.18
CA UNK A 296 -5.76 -15.05 -8.79
C UNK A 296 -6.44 -16.40 -8.65
N UNK A 297 -7.58 -16.57 -9.32
CA UNK A 297 -8.32 -17.82 -9.28
C UNK A 297 -7.44 -18.97 -9.72
N UNK A 298 -6.72 -18.79 -10.82
CA UNK A 298 -5.84 -19.82 -11.34
C UNK A 298 -4.81 -20.21 -10.28
N UNK A 299 -4.19 -19.21 -9.65
CA UNK A 299 -3.20 -19.44 -8.63
C UNK A 299 -3.79 -20.30 -7.52
N UNK A 300 -4.99 -19.93 -7.06
CA UNK A 300 -5.66 -20.66 -5.99
C UNK A 300 -5.83 -22.12 -6.39
N UNK A 301 -6.30 -22.36 -7.62
CA UNK A 301 -6.51 -23.71 -8.11
C UNK A 301 -5.21 -24.50 -8.05
N UNK A 302 -4.11 -23.88 -8.51
CA UNK A 302 -2.81 -24.53 -8.50
C UNK A 302 -2.45 -24.94 -7.08
N UNK A 303 -2.63 -24.02 -6.13
CA UNK A 303 -2.32 -24.29 -4.74
C UNK A 303 -3.09 -25.51 -4.25
N UNK A 304 -4.39 -25.55 -4.55
CA UNK A 304 -5.24 -26.64 -4.15
C UNK A 304 -4.69 -27.96 -4.69
N UNK B 1 16.87 15.54 9.90
CA UNK B 1 15.84 14.73 10.52
C UNK B 1 15.89 13.31 9.97
N UNK B 2 15.97 13.19 8.64
CA UNK B 2 16.02 11.89 7.99
C UNK B 2 17.19 11.09 8.53
N UNK B 3 18.37 11.71 8.61
CA UNK B 3 19.56 11.06 9.09
C UNK B 3 19.32 10.51 10.50
N UNK B 4 18.74 11.35 11.37
CA UNK B 4 18.46 10.95 12.74
C UNK B 4 17.58 9.71 12.75
N UNK B 5 16.52 9.72 11.94
CA UNK B 5 15.60 8.60 11.87
C UNK B 5 16.36 7.34 11.49
N UNK B 6 17.22 7.43 10.47
CA UNK B 6 18.00 6.30 10.02
C UNK B 6 18.82 5.74 11.17
N UNK B 7 19.50 6.63 11.90
CA UNK B 7 20.32 6.22 13.02
C UNK B 7 19.49 5.44 14.03
N UNK B 8 18.31 5.97 14.37
CA UNK B 8 17.43 5.33 15.32
C UNK B 8 17.09 3.91 14.85
N UNK B 9 16.17 3.80 13.89
CA UNK B 9 15.77 2.51 13.36
C UNK B 9 16.98 1.77 12.82
N UNK B 10 17.80 2.47 12.02
CA UNK B 10 18.98 1.87 11.44
C UNK B 10 19.89 1.33 12.53
N UNK B 11 20.11 2.12 13.58
CA UNK B 11 20.96 1.71 14.69
C UNK B 11 20.42 0.41 15.29
N UNK B 12 19.12 0.37 15.54
CA UNK B 12 18.48 -0.81 16.12
C UNK B 12 18.76 -2.02 15.25
N UNK B 13 18.57 -1.88 13.94
CA UNK B 13 18.79 -2.97 13.01
C UNK B 13 20.22 -3.48 13.14
N UNK B 14 21.19 -2.56 13.16
CA UNK B 14 22.58 -2.91 13.29
C UNK B 14 22.81 -3.74 14.54
N UNK B 15 22.25 -3.28 15.66
CA UNK B 15 22.39 -3.98 16.94
C UNK B 15 21.88 -5.40 16.80
N UNK B 16 20.69 -5.56 16.20
CA UNK B 16 20.10 -6.87 16.02
C UNK B 16 21.05 -7.77 15.24
N UNK B 17 21.60 -7.25 14.15
CA UNK B 17 22.52 -8.01 13.32
C UNK B 17 23.69 -8.49 14.16
N UNK B 18 24.27 -7.59 14.95
CA UNK B 18 25.40 -7.93 15.80
C UNK B 18 25.03 -9.08 16.72
N UNK B 19 23.87 -8.98 17.36
CA UNK B 19 23.41 -10.02 18.27
C UNK B 19 23.35 -11.36 17.55
N UNK B 20 22.76 -11.37 16.35
CA UNK B 20 22.65 -12.59 15.56
C UNK B 20 24.02 -13.19 15.32
N UNK B 21 24.98 -12.35 14.92
CA UNK B 21 26.34 -12.80 14.66
C UNK B 21 26.91 -13.48 15.91
N UNK B 22 25.91 -13.45 -18.76
CA UNK B 22 24.89 -12.82 -19.58
C UNK B 22 23.86 -12.14 -18.70
N UNK B 23 23.39 -12.85 -17.67
CA UNK B 23 22.39 -12.31 -16.76
C UNK B 23 22.92 -11.02 -16.13
N UNK B 24 24.16 -11.04 -15.66
CA UNK B 24 24.76 -9.88 -15.04
C UNK B 24 24.74 -8.69 -16.01
N UNK B 25 25.15 -8.95 -17.25
CA UNK B 25 25.17 -7.91 -18.27
C UNK B 25 23.79 -7.30 -18.42
N UNK B 26 22.76 -8.15 -18.52
CA UNK B 26 21.40 -7.70 -18.68
C UNK B 26 21.02 -6.77 -17.53
N UNK B 27 21.34 -7.19 -16.29
CA UNK B 27 21.03 -6.40 -15.12
C UNK B 27 21.67 -5.03 -15.23
N UNK B 28 22.94 -4.99 -15.61
CA UNK B 28 23.67 -3.73 -15.75
C UNK B 28 22.95 -2.83 -16.74
N UNK B 29 22.55 -3.38 -17.88
CA UNK B 29 21.86 -2.62 -18.91
C UNK B 29 20.59 -2.00 -18.32
N UNK B 30 19.81 -2.81 -17.60
CA UNK B 30 18.58 -2.35 -16.99
C UNK B 30 18.86 -1.16 -16.07
N UNK B 31 19.90 -1.29 -15.23
CA UNK B 31 20.26 -0.23 -14.31
C UNK B 31 20.56 1.05 -15.08
N UNK B 32 21.34 0.95 -16.15
CA UNK B 32 21.69 2.09 -16.97
C UNK B 32 20.43 2.77 -17.47
N UNK B 33 19.50 1.98 -18.01
CA UNK B 33 18.25 2.49 -18.53
C UNK B 33 17.52 3.29 -17.46
N UNK B 34 17.42 2.71 -16.26
CA UNK B 34 16.75 3.37 -15.14
C UNK B 34 17.39 4.73 -14.87
N UNK B 35 18.72 4.75 -14.82
CA UNK B 35 19.44 5.98 -14.57
C UNK B 35 19.08 7.03 -15.60
N UNK B 36 19.07 6.64 -16.88
CA UNK B 36 18.74 7.53 -17.97
C UNK B 36 17.36 8.13 -17.74
N UNK B 37 16.39 7.27 -17.41
CA UNK B 37 15.03 7.71 -17.18
C UNK B 37 15.00 8.77 -16.08
N UNK B 38 15.02 8.32 -14.81
CA UNK B 38 15.00 9.22 -13.69
C UNK B 38 16.17 10.20 -13.77
N UNK B 39 17.36 9.67 -14.05
CA UNK B 39 18.55 10.50 -14.16
C UNK B 39 18.35 11.57 -15.22
N UNK B 40 17.84 11.17 -16.38
CA UNK B 40 17.60 12.10 -17.47
C UNK B 40 16.68 13.22 -17.01
N UNK B 41 15.59 12.86 -16.34
CA UNK B 41 14.63 13.83 -15.85
C UNK B 41 15.33 14.83 -14.94
N UNK B 42 16.14 14.33 -14.01
CA UNK B 42 16.87 15.19 -13.09
C UNK B 42 17.72 16.18 -13.85
N UNK B 43 18.46 15.69 -14.86
CA UNK B 43 19.31 16.54 -15.66
C UNK B 43 18.50 17.66 -16.29
N UNK B 44 17.35 17.30 -16.88
CA UNK B 44 16.48 18.27 -17.52
C UNK B 44 16.09 19.35 -16.53
N UNK B 45 15.68 18.94 -15.33
CA UNK B 45 15.27 19.88 -14.29
C UNK B 45 16.41 20.85 -14.00
N UNK B 46 17.62 20.33 -13.83
CA UNK B 46 18.78 21.15 -13.55
C UNK B 46 18.96 22.19 -14.64
N UNK B 47 18.88 21.77 -15.89
CA UNK B 47 19.03 22.66 -17.02
C UNK B 47 18.02 23.79 -16.94
N UNK B 48 16.75 23.44 -16.67
CA UNK B 48 15.69 24.42 -16.56
C UNK B 48 16.04 25.45 -15.50
N UNK B 49 16.49 24.98 -14.33
CA UNK B 49 16.86 25.86 -13.24
C UNK B 49 17.93 26.83 -13.69
N UNK B 50 18.95 26.32 -14.36
CA UNK B 50 20.04 27.16 -14.85
C UNK B 50 19.50 28.25 -15.75
N UNK B 51 18.62 27.88 -16.68
CA UNK B 51 18.03 28.83 -17.61
C UNK B 51 17.32 29.94 -16.83
N UNK B 52 -8.72 5.86 -24.02
CA UNK B 52 -7.50 5.20 -24.43
C UNK B 52 -6.93 4.41 -23.25
N UNK B 53 -6.86 5.05 -22.08
CA UNK B 53 -6.33 4.41 -20.90
C UNK B 53 -7.11 3.14 -20.60
N UNK B 54 -8.44 3.23 -20.64
CA UNK B 54 -9.30 2.10 -20.37
C UNK B 54 -8.96 0.95 -21.32
N UNK B 55 -8.84 1.27 -22.61
CA UNK B 55 -8.52 0.27 -23.61
C UNK B 55 -7.22 -0.43 -23.26
N UNK B 56 -6.20 0.35 -22.90
CA UNK B 56 -4.90 -0.19 -22.54
C UNK B 56 -5.06 -1.18 -21.39
N UNK B 57 -5.80 -0.78 -20.36
CA UNK B 57 -6.02 -1.63 -19.20
C UNK B 57 -6.64 -2.95 -19.63
N UNK B 58 -7.66 -2.89 -20.48
CA UNK B 58 -8.33 -4.08 -20.96
C UNK B 58 -7.32 -5.00 -21.63
N UNK B 59 -6.50 -4.44 -22.50
CA UNK B 59 -5.49 -5.21 -23.22
C UNK B 59 -4.60 -5.93 -22.23
N UNK B 60 -4.12 -5.21 -21.21
CA UNK B 60 -3.25 -5.78 -20.20
C UNK B 60 -3.92 -6.98 -19.55
N UNK B 61 -5.20 -6.80 -19.15
CA UNK B 61 -5.95 -7.86 -18.52
C UNK B 61 -5.98 -9.09 -19.41
N UNK B 62 -6.28 -8.89 -20.70
CA UNK B 62 -6.34 -9.99 -21.65
C UNK B 62 -5.01 -10.73 -21.67
N UNK B 63 -3.91 -9.99 -21.75
CA UNK B 63 -2.58 -10.59 -21.78
C UNK B 63 -2.38 -11.45 -20.55
N UNK B 64 -2.73 -10.93 -19.37
CA UNK B 64 -2.58 -11.66 -18.13
C UNK B 64 -3.34 -12.98 -18.21
N UNK B 65 -4.59 -12.92 -18.67
CA UNK B 65 -5.42 -14.11 -18.79
C UNK B 65 -4.73 -15.14 -19.67
N UNK B 66 -4.21 -14.70 -20.82
CA UNK B 66 -3.52 -15.59 -21.73
C UNK B 66 -2.36 -16.28 -21.03
N UNK B 67 -1.56 -15.51 -20.30
CA UNK B 67 -0.43 -16.05 -19.58
C UNK B 67 -0.88 -17.14 -18.62
N UNK B 68 -1.95 -16.86 -17.86
CA UNK B 68 -2.47 -17.82 -16.92
C UNK B 68 -2.84 -19.12 -17.63
N UNK B 69 -3.53 -19.00 -18.75
CA UNK B 69 -3.95 -20.16 -19.52
C UNK B 69 -2.72 -20.99 -19.91
N UNK B 70 -1.68 -20.32 -20.41
CA UNK B 70 -0.47 -21.00 -20.81
C UNK B 70 0.11 -21.77 -19.64
N UNK B 71 0.19 -21.14 -18.48
CA UNK B 71 0.72 -21.78 -17.29
C UNK B 71 -0.07 -23.04 -16.98
N UNK B 72 6.55 10.18 -19.83
CA UNK B 72 6.15 9.16 -18.88
C UNK B 72 5.57 7.96 -19.62
N UNK B 73 4.66 8.22 -20.57
CA UNK B 73 4.03 7.17 -21.34
C UNK B 73 5.09 6.33 -22.03
N UNK B 74 6.05 6.99 -22.67
CA UNK B 74 7.11 6.31 -23.38
C UNK B 74 7.86 5.38 -22.44
N UNK B 75 8.22 5.90 -21.25
CA UNK B 75 8.92 5.12 -20.26
C UNK B 75 8.14 3.86 -19.92
N UNK B 76 6.84 4.02 -19.67
CA UNK B 76 5.98 2.90 -19.34
C UNK B 76 6.03 1.85 -20.43
N UNK B 77 5.92 2.28 -21.68
CA UNK B 77 5.95 1.38 -22.81
C UNK B 77 7.25 0.59 -22.81
N UNK B 78 8.34 1.23 -23.22
CA UNK B 78 9.64 0.57 -23.27
C UNK B 78 10.00 0.05 -21.88
N UNK B 79 9.83 0.89 -20.85
CA UNK B 79 10.13 0.50 -19.49
C UNK B 79 9.35 -0.75 -19.11
N UNK B 80 8.06 -0.75 -19.41
CA UNK B 80 7.20 -1.88 -19.10
C UNK B 80 7.74 -3.14 -19.74
N UNK B 81 8.11 -3.05 -21.03
CA UNK B 81 8.65 -4.18 -21.76
C UNK B 81 9.88 -4.73 -21.04
N UNK B 82 10.78 -3.82 -20.66
CA UNK B 82 12.01 -4.22 -19.98
C UNK B 82 11.67 -4.99 -18.71
N UNK B 83 10.73 -4.46 -17.92
CA UNK B 83 10.32 -5.10 -16.68
C UNK B 83 9.84 -6.53 -16.97
N UNK B 84 8.99 -6.68 -17.99
CA UNK B 84 8.46 -7.98 -18.36
C UNK B 84 9.60 -8.93 -18.66
N UNK B 85 10.58 -8.48 -19.45
CA UNK B 85 11.72 -9.30 -19.81
C UNK B 85 12.43 -9.77 -18.55
N UNK B 86 12.68 -8.85 -17.62
CA UNK B 86 13.36 -9.17 -16.39
C UNK B 86 12.61 -10.28 -15.65
N UNK B 87 35.73 26.80 -15.17
CA UNK B 87 34.43 26.17 -15.21
C UNK B 87 34.56 24.66 -15.09
N UNK B 88 35.49 24.08 -15.86
CA UNK B 88 35.71 22.65 -15.84
C UNK B 88 36.06 22.19 -14.43
N UNK B 89 36.98 22.92 -13.78
CA UNK B 89 37.39 22.60 -12.42
C UNK B 89 36.19 22.57 -11.50
N UNK B 90 35.35 23.60 -11.59
CA UNK B 90 34.16 23.69 -10.76
C UNK B 90 33.28 22.47 -10.95
N UNK B 91 33.06 22.08 -12.22
CA UNK B 91 32.24 20.93 -12.53
C UNK B 91 32.80 19.69 -11.86
N UNK B 92 34.13 19.49 -11.97
CA UNK B 92 34.78 18.35 -11.36
C UNK B 92 34.51 18.32 -9.87
N UNK B 93 34.68 19.47 -9.21
CA UNK B 93 34.46 19.57 -7.78
C UNK B 93 33.04 19.14 -7.43
N UNK B 94 32.07 19.63 -8.19
CA UNK B 94 30.67 19.29 -7.97
C UNK B 94 30.49 17.78 -8.04
N UNK B 95 31.05 17.16 -9.08
CA UNK B 95 30.95 15.72 -9.27
C UNK B 95 31.49 15.00 -8.04
N UNK B 96 32.66 15.42 -7.57
CA UNK B 96 33.27 14.81 -6.40
C UNK B 96 32.33 14.88 -5.21
N UNK B 97 31.75 16.06 -4.98
CA UNK B 97 30.83 16.26 -3.88
C UNK B 97 29.68 15.26 -3.98
N UNK B 98 28.59 15.68 -4.64
CA UNK B 98 27.43 14.84 -4.79
C UNK B 98 27.81 13.53 -5.48
N UNK B 99 28.59 13.64 -6.57
CA UNK B 99 29.03 12.47 -7.31
C UNK B 99 29.78 11.52 -6.39
N UNK B 100 30.71 12.06 -5.60
CA UNK B 100 31.49 11.26 -4.68
C UNK B 100 30.57 10.51 -3.74
N UNK B 101 29.59 11.21 -3.16
CA UNK B 101 28.66 10.60 -2.24
C UNK B 101 27.95 9.42 -2.91
N UNK B 102 27.47 9.63 -4.14
CA UNK B 102 26.78 8.59 -4.88
C UNK B 102 27.69 7.36 -5.01
N UNK B 103 28.94 7.59 -5.40
CA UNK B 103 29.90 6.50 -5.57
C UNK B 103 30.02 5.72 -4.27
N UNK B 104 30.17 6.43 -3.15
CA UNK B 104 30.30 5.79 -1.85
C UNK B 104 29.10 4.90 -1.58
N UNK B 105 27.89 5.43 -1.82
CA UNK B 105 26.67 4.68 -1.61
C UNK B 105 26.70 3.39 -2.41
N UNK B 106 27.07 3.49 -3.69
CA UNK B 106 27.14 2.33 -4.57
C UNK B 106 28.07 1.29 -3.97
N UNK B 107 29.26 1.72 -3.52
CA UNK B 107 30.22 0.81 -2.94
C UNK B 107 29.61 0.08 -1.76
N UNK B 108 28.94 0.82 -0.88
CA UNK B 108 28.31 0.24 0.29
C UNK B 108 27.32 -0.84 -0.13
N UNK B 109 26.49 -0.54 -1.13
CA UNK B 109 25.51 -1.49 -1.61
C UNK B 109 26.20 -2.76 -2.07
N UNK B 110 27.27 -2.62 -2.85
CA UNK B 110 28.01 -3.76 -3.34
C UNK B 110 28.49 -4.62 -2.19
N UNK B 111 29.06 -3.98 -1.16
CA UNK B 111 29.56 -4.69 0.00
C UNK B 111 28.45 -5.50 0.63
N UNK B 112 27.28 -4.87 0.81
CA UNK B 112 26.14 -5.54 1.41
C UNK B 112 25.78 -6.79 0.61
N UNK B 113 25.72 -6.65 -0.71
CA UNK B 113 25.39 -7.76 -1.59
C UNK B 113 26.37 -8.90 -1.36
N UNK B 114 27.66 -8.58 -1.32
CA UNK B 114 28.69 -9.58 -1.12
C UNK B 114 28.44 -10.33 0.18
N UNK B 115 28.16 -9.59 1.26
CA UNK B 115 27.91 -10.17 2.55
C UNK B 115 26.76 -11.16 2.46
N UNK B 116 25.67 -10.75 1.81
CA UNK B 116 24.50 -11.59 1.65
C UNK B 116 24.88 -12.89 0.96
N UNK B 117 25.65 -12.79 -0.12
CA UNK B 117 26.09 -13.95 -0.87
C UNK B 117 26.84 -14.91 0.05
N UNK B 118 27.77 -14.36 0.83
CA UNK B 118 28.57 -15.17 1.75
C UNK B 118 27.65 -15.92 2.70
N UNK B 119 -0.34 15.75 0.47
CA UNK B 119 -0.55 14.32 0.49
C UNK B 119 0.44 13.63 -0.44
N UNK B 120 0.57 14.15 -1.66
CA UNK B 120 1.47 13.60 -2.65
C UNK B 120 2.90 13.56 -2.08
N UNK B 121 3.33 14.67 -1.48
CA UNK B 121 4.65 14.76 -0.92
C UNK B 121 4.86 13.68 0.12
N UNK B 122 3.88 13.50 1.01
CA UNK B 122 3.95 12.49 2.05
C UNK B 122 4.14 11.12 1.43
N UNK B 123 3.35 10.81 0.41
CA UNK B 123 3.44 9.54 -0.28
C UNK B 123 4.85 9.32 -0.80
N UNK B 124 5.41 10.33 -1.45
CA UNK B 124 6.75 10.25 -2.00
C UNK B 124 7.74 9.91 -0.91
N UNK B 125 7.95 10.85 0.03
CA UNK B 125 8.88 10.64 1.12
C UNK B 125 8.49 9.40 1.91
N UNK B 126 7.19 9.27 2.23
CA UNK B 126 6.70 8.13 2.98
C UNK B 126 7.04 6.84 2.25
N UNK B 127 6.79 6.81 0.94
CA UNK B 127 7.06 5.64 0.14
C UNK B 127 8.53 5.27 0.24
N UNK B 128 9.42 6.26 0.11
CA UNK B 128 10.85 6.03 0.19
C UNK B 128 11.20 5.39 1.52
N UNK B 129 10.65 5.94 2.62
CA UNK B 129 10.91 5.43 3.94
C UNK B 129 10.51 3.96 4.01
N UNK B 130 9.32 3.63 3.51
CA UNK B 130 8.84 2.26 3.52
C UNK B 130 9.83 1.36 2.80
N UNK B 131 10.29 1.77 1.61
CA UNK B 131 11.23 1.00 0.84
C UNK B 131 12.48 0.71 1.66
N UNK B 132 13.01 1.76 2.31
CA UNK B 132 14.20 1.63 3.13
C UNK B 132 13.98 0.57 4.20
N UNK B 133 12.84 0.64 4.89
CA UNK B 133 12.52 -0.31 5.94
C UNK B 133 12.55 -1.72 5.38
N UNK B 134 11.91 -1.93 4.23
CA UNK B 134 11.87 -3.23 3.60
C UNK B 134 13.28 -3.75 3.37
N UNK B 135 14.13 -2.89 2.81
CA UNK B 135 15.51 -3.26 2.53
C UNK B 135 16.20 -3.73 3.81
N UNK B 136 16.03 -2.96 4.88
CA UNK B 136 16.63 -3.30 6.16
C UNK B 136 16.19 -4.69 6.61
N UNK B 137 14.88 -4.95 6.52
CA UNK B 137 14.33 -6.23 6.90
C UNK B 137 15.01 -7.35 6.12
N UNK B 138 15.12 -7.16 4.81
CA UNK B 138 15.74 -8.15 3.95
C UNK B 138 17.16 -8.45 4.42
N UNK B 139 17.92 -7.39 4.70
CA UNK B 139 19.29 -7.53 5.16
C UNK B 139 19.33 -8.37 6.43
N UNK B 140 18.44 -8.06 7.38
CA UNK B 140 18.38 -8.80 8.63
C UNK B 140 18.15 -10.27 8.36
N UNK B 141 17.19 -10.59 7.48
CA UNK B 141 16.88 -11.95 7.14
C UNK B 141 18.13 -12.66 6.61
N UNK B 142 18.84 -12.00 5.69
CA UNK B 142 20.05 -12.57 5.12
C UNK B 142 21.04 -12.90 6.22
N UNK B 143 42.69 -2.07 -9.15
CA UNK B 143 43.20 -1.55 -10.40
C UNK B 143 42.17 -1.76 -11.51
N UNK B 144 41.61 -2.97 -11.59
CA UNK B 144 40.62 -3.29 -12.58
C UNK B 144 39.44 -2.33 -12.48
N UNK B 145 38.95 -2.11 -11.27
CA UNK B 145 37.84 -1.22 -11.04
C UNK B 145 38.16 0.17 -11.57
N UNK B 146 39.34 0.68 -11.25
CA UNK B 146 39.77 1.98 -11.70
C UNK B 146 39.72 2.06 -13.22
N UNK B 147 40.25 1.04 -13.89
CA UNK B 147 40.27 0.99 -15.34
C UNK B 147 38.86 1.09 -15.87
N UNK B 148 37.94 0.31 -15.30
CA UNK B 148 36.55 0.31 -15.73
C UNK B 148 35.97 1.73 -15.62
N UNK B 149 36.22 2.39 -14.48
CA UNK B 149 35.73 3.73 -14.26
C UNK B 149 36.23 4.66 -15.37
N UNK B 150 37.53 4.58 -15.67
CA UNK B 150 38.13 5.41 -16.69
C UNK B 150 37.41 5.20 -18.02
N UNK B 151 37.18 3.94 -18.38
CA UNK B 151 36.51 3.60 -19.63
C UNK B 151 35.14 4.27 -19.67
N UNK B 152 34.12 3.56 -19.16
CA UNK B 152 32.76 4.09 -19.15
C UNK B 152 32.73 5.42 -18.41
N UNK B 153 33.36 5.46 -17.23
CA UNK B 153 33.39 6.67 -16.43
C UNK B 153 33.99 7.81 -17.23
N UNK B 154 35.11 7.55 -17.89
CA UNK B 154 35.78 8.56 -18.68
C UNK B 154 34.84 9.10 -19.75
N UNK B 155 34.14 8.21 -20.45
CA UNK B 155 33.20 8.60 -21.47
C UNK B 155 32.15 9.53 -20.90
N UNK B 156 31.59 9.16 -19.74
CA UNK B 156 30.57 9.96 -19.09
C UNK B 156 31.10 11.37 -18.83
N UNK B 157 32.32 11.45 -18.28
CA UNK B 157 32.94 12.72 -17.99
C UNK B 157 33.02 13.58 -19.24
N UNK B 158 33.49 12.97 -20.33
CA UNK B 158 33.61 13.68 -21.60
C UNK B 158 32.27 14.25 -22.01
N UNK B 159 31.22 13.43 -21.93
CA UNK B 159 29.89 13.85 -22.31
C UNK B 159 29.49 15.08 -21.49
N UNK B 160 29.71 15.02 -20.17
CA UNK B 160 29.37 16.11 -19.29
C UNK B 160 30.07 17.39 -19.74
N UNK B 161 31.37 17.29 -20.03
CA UNK B 161 32.15 18.43 -20.48
C UNK B 161 31.52 19.03 -21.73
N UNK B 162 31.17 18.18 -22.69
CA UNK B 162 30.57 18.64 -23.93
C UNK B 162 29.30 19.43 -23.63
N UNK B 163 28.45 18.88 -22.76
CA UNK B 163 27.21 19.53 -22.40
C UNK B 163 27.49 20.92 -21.84
N UNK B 164 28.46 21.02 -20.92
CA UNK B 164 28.82 22.28 -20.32
C UNK B 164 29.21 23.28 -21.40
N UNK B 165 30.05 22.86 -22.35
CA UNK B 165 30.50 23.72 -23.42
C UNK B 165 29.30 24.25 -24.19
N UNK B 166 28.35 23.36 -24.53
CA UNK B 166 27.17 23.74 -25.27
C UNK B 166 26.41 24.83 -24.51
N UNK B 167 26.22 24.62 -23.20
CA UNK B 167 25.52 25.58 -22.38
C UNK B 167 26.19 26.94 -22.45
N UNK B 168 27.53 26.95 -22.33
CA UNK B 168 28.29 28.18 -22.38
C UNK B 168 28.02 28.90 -23.70
N UNK B 169 11.32 -17.63 7.77
CA UNK B 169 11.49 -17.58 6.33
C UNK B 169 10.27 -16.97 5.67
N UNK B 170 9.08 -17.43 6.07
CA UNK B 170 7.85 -16.92 5.52
C UNK B 170 7.75 -15.42 5.72
N UNK B 171 8.06 -14.95 6.93
CA UNK B 171 8.02 -13.53 7.24
C UNK B 171 8.93 -12.77 6.30
N UNK B 172 10.16 -13.26 6.12
CA UNK B 172 11.12 -12.62 5.24
C UNK B 172 10.54 -12.48 3.84
N UNK B 173 9.96 -13.57 3.33
CA UNK B 173 9.37 -13.57 2.00
C UNK B 173 8.32 -12.48 1.90
N UNK B 174 7.44 -12.39 2.90
CA UNK B 174 6.38 -11.40 2.91
C UNK B 174 6.98 -10.01 2.81
N UNK B 175 8.02 -9.74 3.63
CA UNK B 175 8.68 -8.45 3.63
C UNK B 175 9.18 -8.12 2.23
N UNK B 176 9.84 -9.08 1.60
CA UNK B 176 10.37 -8.89 0.26
C UNK B 176 9.25 -8.49 -0.70
N UNK B 177 8.13 -9.21 -0.64
CA UNK B 177 7.00 -8.94 -1.49
C UNK B 177 6.54 -7.50 -1.30
N UNK B 178 6.40 -7.07 -0.05
CA UNK B 178 5.97 -5.72 0.27
C UNK B 178 6.90 -4.71 -0.38
N UNK B 179 8.21 -4.93 -0.23
CA UNK B 179 9.21 -4.04 -0.81
C UNK B 179 9.00 -3.92 -2.31
N UNK B 180 8.82 -5.06 -2.98
CA UNK B 180 8.62 -5.08 -4.41
C UNK B 180 7.41 -4.22 -4.78
N UNK B 181 6.31 -4.40 -4.05
CA UNK B 181 5.09 -3.66 -4.31
C UNK B 181 5.38 -2.16 -4.20
N UNK B 182 6.08 -1.75 -3.15
CA UNK B 182 6.41 -0.35 -2.94
C UNK B 182 7.18 0.18 -4.15
N UNK B 183 8.18 -0.57 -4.60
CA UNK B 183 8.99 -0.17 -5.74
C UNK B 183 8.10 0.06 -6.95
N UNK B 184 7.18 -0.88 -7.22
CA UNK B 184 6.28 -0.78 -8.34
C UNK B 184 5.48 0.52 -8.25
N UNK B 185 4.93 0.80 -7.06
CA UNK B 185 4.15 2.00 -6.85
C UNK B 185 4.97 3.23 -7.21
N UNK B 186 5.92 3.59 -6.33
CA UNK B 186 6.76 4.75 -6.55
C UNK B 186 7.50 4.61 -7.88
N UNK B 187 8.09 3.42 -8.11
CA UNK B 187 8.82 3.17 -9.34
C UNK B 187 7.92 3.41 -10.55
N UNK B 188 6.70 2.87 -10.50
CA UNK B 188 5.75 3.02 -11.59
C UNK B 188 5.51 4.50 -11.86
N UNK B 189 5.27 5.28 -10.79
CA UNK B 189 5.03 6.69 -10.93
C UNK B 189 6.19 7.37 -11.64
N UNK B 190 7.41 7.05 -11.22
CA UNK B 190 8.61 7.62 -11.81
C UNK B 190 8.63 7.33 -13.31
N UNK B 191 8.36 6.08 -13.68
CA UNK B 191 8.35 5.68 -15.07
C UNK B 191 7.36 6.53 -15.85
N UNK B 192 6.15 6.68 -15.31
CA UNK B 192 5.12 7.47 -15.95
C UNK B 192 5.62 8.89 -16.21
N UNK B 193 6.23 9.50 -15.19
CA UNK B 193 6.76 10.85 -15.30
C UNK B 193 7.76 10.93 -16.45
N UNK B 194 8.68 9.96 -16.50
CA UNK B 194 9.67 9.93 -17.55
C UNK B 194 9.01 9.90 -18.91
N UNK B 195 8.01 9.04 -19.07
CA UNK B 195 7.29 8.93 -20.33
C UNK B 195 6.71 10.28 -20.73
N UNK B 196 -6.81 21.82 -9.47
CA UNK B 196 -6.89 20.87 -8.39
C UNK B 196 -7.52 19.58 -8.89
N UNK B 197 -8.64 19.70 -9.62
CA UNK B 197 -9.33 18.54 -10.15
C UNK B 197 -8.39 17.71 -11.00
N UNK B 198 -7.66 18.38 -11.90
CA UNK B 198 -6.72 17.70 -12.78
C UNK B 198 -5.71 16.91 -11.96
N UNK B 199 -5.15 17.54 -10.93
CA UNK B 199 -4.17 16.90 -10.07
C UNK B 199 -4.77 15.64 -9.46
N UNK B 200 -5.99 15.73 -8.94
CA UNK B 200 -6.65 14.60 -8.34
C UNK B 200 -6.75 13.46 -9.33
N UNK B 201 -7.19 13.77 -10.56
CA UNK B 201 -7.32 12.78 -11.60
C UNK B 201 -6.00 12.06 -11.83
N UNK B 202 -4.92 12.84 -11.94
CA UNK B 202 -3.60 12.29 -12.16
C UNK B 202 -3.25 11.31 -11.05
N UNK B 203 -3.49 11.71 -9.80
CA UNK B 203 -3.20 10.87 -8.66
C UNK B 203 -3.94 9.54 -8.78
N UNK B 204 -5.24 9.61 -9.12
CA UNK B 204 -6.05 8.42 -9.27
C UNK B 204 -5.44 7.50 -10.31
N UNK B 205 -5.05 8.06 -11.45
CA UNK B 205 -4.45 7.28 -12.52
C UNK B 205 -3.21 6.55 -12.00
N UNK B 206 -2.35 7.27 -11.28
CA UNK B 206 -1.14 6.70 -10.73
C UNK B 206 -1.47 5.51 -9.85
N UNK B 207 -2.46 5.69 -8.96
CA UNK B 207 -2.88 4.63 -8.06
C UNK B 207 -3.29 3.40 -8.85
N UNK B 208 -4.48 3.45 -9.46
CA UNK B 208 -4.99 2.34 -10.24
C UNK B 208 -4.00 1.99 -11.35
N UNK B 209 -3.53 3.02 -12.07
CA UNK B 209 -2.60 2.82 -13.16
C UNK B 209 -1.36 2.10 -12.65
N UNK B 210 -0.81 2.55 -11.52
CA UNK B 210 0.37 1.96 -10.93
C UNK B 210 0.12 0.47 -10.67
N UNK B 211 -1.02 0.16 -10.07
CA UNK B 211 -1.37 -1.22 -9.77
C UNK B 211 -1.35 -2.06 -11.03
N UNK B 212 -1.99 -1.54 -12.09
CA UNK B 212 -2.04 -2.24 -13.36
C UNK B 212 -0.64 -2.55 -13.86
N UNK B 213 0.24 -1.55 -13.81
CA UNK B 213 1.61 -1.71 -14.26
C UNK B 213 2.28 -2.84 -13.49
N UNK B 214 2.11 -2.84 -12.17
CA UNK B 214 2.71 -3.86 -11.32
C UNK B 214 2.24 -5.24 -11.77
N UNK B 215 0.93 -5.38 -11.99
CA UNK B 215 0.36 -6.64 -12.41
C UNK B 215 1.01 -7.10 -13.71
N UNK B 216 1.14 -6.19 -14.67
CA UNK B 216 1.76 -6.51 -15.95
C UNK B 216 3.17 -7.05 -15.73
N UNK B 217 3.95 -6.36 -14.89
CA UNK B 217 5.31 -6.77 -14.60
C UNK B 217 5.32 -8.19 -14.06
N UNK B 218 4.43 -8.47 -13.10
CA UNK B 218 4.36 -9.79 -12.51
C UNK B 218 4.10 -10.84 -13.58
N UNK B 219 3.15 -10.57 -14.47
CA UNK B 219 2.82 -11.49 -15.55
C UNK B 219 4.05 -11.77 -16.39
N UNK B 220 4.79 -10.72 -16.76
CA UNK B 220 5.98 -10.86 -17.56
C UNK B 220 6.97 -11.79 -16.86
N UNK B 221 7.19 -11.57 -15.57
CA UNK B 221 8.11 -12.38 -14.79
C UNK B 221 7.70 -13.84 -14.86
N UNK B 222 6.40 -14.11 -14.66
CA UNK B 222 5.89 -15.46 -14.72
C UNK B 222 6.21 -16.10 -16.05
N UNK B 223 32.24 1.26 -17.35
CA UNK B 223 32.91 2.08 -18.35
C UNK B 223 32.20 1.97 -19.69
N UNK B 224 31.89 0.73 -20.10
CA UNK B 224 31.21 0.50 -21.36
C UNK B 224 29.89 1.25 -21.39
N UNK B 225 29.11 1.15 -20.31
CA UNK B 225 27.84 1.83 -20.22
C UNK B 225 28.01 3.33 -20.43
N UNK B 226 29.01 3.91 -19.74
CA UNK B 226 29.28 5.33 -19.86
C UNK B 226 29.56 5.70 -21.31
N UNK B 227 30.39 4.91 -21.98
CA UNK B 227 30.73 5.14 -23.37
C UNK B 227 29.47 5.17 -24.22
N UNK B 228 28.60 4.17 -24.02
CA UNK B 228 27.35 4.09 -24.76
C UNK B 228 26.54 5.36 -24.58
N UNK B 229 25.89 5.49 -23.42
CA UNK B 229 25.09 6.65 -23.12
C UNK B 229 25.97 7.88 -22.99
N UNK B 230 27.06 7.75 -22.24
CA UNK B 230 27.97 8.85 -22.03
C UNK B 230 28.49 9.37 -23.38
N UNK B 231 28.91 8.44 -24.24
CA UNK B 231 29.42 8.79 -25.55
C UNK B 231 28.37 9.61 -26.32
N UNK B 232 27.13 9.13 -26.31
CA UNK B 232 26.05 9.80 -27.00
C UNK B 232 25.91 11.23 -26.49
N UNK B 233 25.93 11.40 -25.17
CA UNK B 233 25.81 12.71 -24.56
C UNK B 233 26.92 13.62 -25.08
N UNK B 234 28.15 13.12 -25.08
CA UNK B 234 29.29 13.90 -25.54
C UNK B 234 29.06 14.36 -26.97
N UNK B 235 28.61 13.45 -27.84
CA UNK B 235 28.35 13.77 -29.22
C UNK B 235 27.34 14.91 -29.32
N UNK B 236 26.26 14.81 -28.56
CA UNK B 236 25.23 15.83 -28.55
C UNK B 236 25.83 17.18 -28.19
N UNK B 237 26.64 17.21 -27.13
CA UNK B 237 27.28 18.43 -26.69
C UNK B 237 28.09 19.04 -27.82
N UNK B 238 28.89 18.21 -28.49
CA UNK B 238 29.72 18.67 -29.58
C UNK B 238 28.85 19.32 -30.66
N UNK B 239 27.75 18.66 -31.03
CA UNK B 239 26.85 19.18 -32.03
C UNK B 239 26.35 20.56 -31.63
N UNK B 240 25.92 20.70 -30.37
CA UNK B 240 25.43 21.96 -29.86
C UNK B 240 26.48 23.04 -30.03
N UNK B 241 21.69 -21.64 -4.86
CA UNK B 241 22.30 -20.57 -4.09
C UNK B 241 22.84 -19.49 -5.01
N UNK B 242 23.57 -19.91 -6.05
CA UNK B 242 24.14 -18.98 -7.01
C UNK B 242 23.05 -18.11 -7.62
N UNK B 243 21.95 -18.75 -8.05
CA UNK B 243 20.84 -18.04 -8.64
C UNK B 243 20.32 -16.98 -7.69
N UNK B 244 20.11 -17.37 -6.42
CA UNK B 244 19.63 -16.45 -5.42
C UNK B 244 20.54 -15.23 -5.32
N UNK B 245 21.85 -15.48 -5.26
CA UNK B 245 22.83 -14.42 -5.15
C UNK B 245 22.68 -13.45 -6.33
N UNK B 246 22.56 -14.01 -7.54
CA UNK B 246 22.41 -13.20 -8.73
C UNK B 246 21.18 -12.30 -8.60
N UNK B 247 20.06 -12.88 -8.17
CA UNK B 247 18.83 -12.13 -8.01
C UNK B 247 19.05 -10.97 -7.06
N UNK B 248 19.70 -11.22 -5.92
CA UNK B 248 19.98 -10.20 -4.94
C UNK B 248 20.76 -9.06 -5.57
N UNK B 249 21.81 -9.40 -6.33
CA UNK B 249 22.63 -8.41 -6.99
C UNK B 249 21.79 -7.54 -7.90
N UNK B 250 20.92 -8.17 -8.70
CA UNK B 250 20.05 -7.45 -9.60
C UNK B 250 19.20 -6.45 -8.84
N UNK B 251 18.60 -6.90 -7.73
CA UNK B 251 17.77 -6.05 -6.91
C UNK B 251 18.56 -4.83 -6.45
N UNK B 252 19.77 -5.06 -5.96
CA UNK B 252 20.63 -3.98 -5.49
C UNK B 252 20.84 -2.97 -6.60
N UNK B 253 21.17 -3.45 -7.80
CA UNK B 253 21.40 -2.59 -8.94
C UNK B 253 20.18 -1.71 -9.19
N UNK B 254 18.99 -2.33 -9.19
CA UNK B 254 17.76 -1.61 -9.42
C UNK B 254 17.60 -0.49 -8.40
N UNK B 255 21.77 8.59 -6.78
CA UNK B 255 21.29 9.34 -7.92
C UNK B 255 20.19 10.30 -7.49
N UNK B 256 19.23 9.80 -6.71
CA UNK B 256 18.13 10.62 -6.23
C UNK B 256 18.67 11.82 -5.48
N UNK B 257 19.62 11.58 -4.57
CA UNK B 257 20.21 12.65 -3.78
C UNK B 257 20.81 13.71 -4.68
N UNK B 258 21.56 13.27 -5.69
CA UNK B 258 22.19 14.18 -6.63
C UNK B 258 21.13 15.06 -7.30
N UNK B 259 20.05 14.43 -7.76
CA UNK B 259 18.97 15.15 -8.42
C UNK B 259 18.42 16.22 -7.49
N UNK B 260 18.17 15.86 -6.24
CA UNK B 260 17.64 16.80 -5.26
C UNK B 260 18.58 17.99 -5.13
N UNK B 261 19.61 17.86 -4.29
CA UNK B 261 20.57 18.94 -4.09
C UNK B 261 21.20 19.34 -5.42
N UNK B 262 21.62 18.34 -6.20
CA UNK B 262 22.24 18.60 -7.48
C UNK B 262 21.30 19.41 -8.37
N UNK B 263 20.03 18.99 -8.43
CA UNK B 263 19.04 19.68 -9.23
C UNK B 263 18.94 21.13 -8.82
N UNK B 264 18.86 21.37 -7.50
CA UNK B 264 18.77 22.72 -6.98
C UNK B 264 19.94 23.56 -7.46
N UNK B 265 21.15 23.00 -7.35
CA UNK B 265 22.35 23.69 -7.77
C UNK B 265 22.25 24.09 -9.23
N UNK B 266 21.82 23.15 -10.08
CA UNK B 266 21.68 23.39 -11.50
C UNK B 266 20.73 24.58 -11.73
N UNK B 267 19.59 24.56 -11.03
CA UNK B 267 18.61 25.63 -11.16
C UNK B 267 19.24 26.97 -10.84
N UNK B 268 19.99 27.01 -9.73
CA UNK B 268 20.65 28.24 -9.30
C UNK B 268 21.57 28.74 -10.41
N UNK B 269 26.11 18.71 -20.11
CA UNK B 269 27.23 17.87 -19.77
C UNK B 269 27.22 17.56 -18.28
N UNK B 270 27.03 18.60 -17.46
CA UNK B 270 27.00 18.43 -16.02
C UNK B 270 25.94 17.43 -15.63
N UNK B 271 24.73 17.57 -16.19
CA UNK B 271 23.64 16.67 -15.91
C UNK B 271 24.04 15.24 -16.21
N UNK B 272 24.64 15.02 -17.39
CA UNK B 272 25.07 13.70 -17.79
C UNK B 272 26.02 13.12 -16.76
N UNK B 273 27.00 13.92 -16.34
CA UNK B 273 27.97 13.48 -15.35
C UNK B 273 27.27 13.03 -14.08
N UNK B 274 26.32 13.83 -13.61
CA UNK B 274 25.57 13.51 -12.41
C UNK B 274 24.88 12.16 -12.56
N UNK B 275 23.70 12.16 -13.17
CA UNK B 275 22.95 10.93 -13.38
C UNK B 275 23.78 9.93 -14.16
N UNK B 276 24.41 10.39 -15.25
CA UNK B 276 25.24 9.54 -16.08
C UNK B 276 26.34 8.91 -15.24
N UNK B 277 27.01 9.72 -14.42
CA UNK B 277 28.09 9.23 -13.58
C UNK B 277 27.58 8.12 -12.67
N UNK B 278 26.42 8.35 -12.04
CA UNK B 278 25.83 7.37 -11.15
C UNK B 278 25.61 6.05 -11.90
N UNK B 279 25.04 6.14 -13.10
CA UNK B 279 24.78 4.96 -13.90
C UNK B 279 26.08 4.19 -14.15
N UNK B 280 27.13 4.91 -14.53
CA UNK B 280 28.42 4.29 -14.78
C UNK B 280 28.89 3.54 -13.55
N UNK B 281 28.81 4.18 -12.39
CA UNK B 281 29.23 3.57 -11.14
C UNK B 281 28.48 2.26 -10.92
N UNK B 282 27.15 2.29 -11.11
CA UNK B 282 26.33 1.11 -10.93
C UNK B 282 26.82 -0.01 -11.83
N UNK B 283 35.83 -15.15 -8.91
CA UNK B 283 36.06 -13.94 -8.14
C UNK B 283 36.28 -12.76 -9.07
N UNK B 284 37.13 -12.95 -10.08
CA UNK B 284 37.43 -11.89 -11.03
C UNK B 284 36.14 -11.41 -11.69
N UNK B 285 35.31 -12.35 -12.14
CA UNK B 285 34.06 -12.03 -12.79
C UNK B 285 33.20 -11.17 -11.88
N UNK B 286 33.08 -11.57 -10.61
CA UNK B 286 32.30 -10.85 -9.64
C UNK B 286 32.79 -9.41 -9.53
N UNK B 287 34.11 -9.25 -9.42
CA UNK B 287 34.71 -7.93 -9.31
C UNK B 287 34.31 -7.07 -10.51
N UNK B 288 34.43 -7.64 -11.72
CA UNK B 288 34.07 -6.94 -12.93
C UNK B 288 32.63 -6.46 -12.86
N UNK B 289 31.73 -7.35 -12.45
CA UNK B 289 30.32 -7.01 -12.34
C UNK B 289 30.13 -5.82 -11.41
N UNK B 290 30.79 -5.86 -10.25
CA UNK B 290 30.70 -4.79 -9.28
C UNK B 290 31.13 -3.47 -9.91
N UNK B 291 32.26 -3.49 -10.63
CA UNK B 291 32.77 -2.30 -11.28
C UNK B 291 31.72 -1.73 -12.23
N UNK B 292 31.12 -2.60 -13.05
CA UNK B 292 30.11 -2.20 -14.00
C UNK B 292 28.97 -1.50 -13.27
N UNK B 293 28.50 -2.10 -12.18
CA UNK B 293 27.41 -1.53 -11.40
C UNK B 293 27.77 -0.13 -10.94
N UNK B 294 28.98 0.03 -10.40
CA UNK B 294 29.44 1.33 -9.93
C UNK B 294 29.38 2.35 -11.05
N UNK B 295 7.47 18.19 13.43
CA UNK B 295 8.21 17.41 14.38
C UNK B 295 7.44 16.14 14.73
N UNK B 296 6.15 16.29 15.03
CA UNK B 296 5.30 15.18 15.39
C UNK B 296 5.32 14.14 14.27
N UNK B 297 5.14 14.60 13.02
CA UNK B 297 5.14 13.71 11.88
C UNK B 297 6.44 12.91 11.83
N UNK B 298 7.57 13.61 12.00
CA UNK B 298 8.87 12.96 11.96
C UNK B 298 8.93 11.85 13.01
N UNK B 299 8.48 12.16 14.23
CA UNK B 299 8.49 11.20 15.32
C UNK B 299 7.70 9.96 14.91
N UNK B 300 6.50 10.17 14.36
CA UNK B 300 5.66 9.07 13.94
C UNK B 300 6.39 8.19 12.94
N UNK B 301 7.03 8.82 11.95
CA UNK B 301 7.77 8.10 10.94
C UNK B 301 8.83 7.22 11.59
N UNK B 302 9.59 7.80 12.53
CA UNK B 302 10.63 7.07 13.23
C UNK B 302 10.05 5.84 13.91
N UNK B 303 8.74 5.64 13.76
CA UNK B 303 8.07 4.50 14.36
C UNK B 303 9.06 3.66 15.13
N UNK B 304 10.34 4.07 15.12
CA UNK B 304 11.38 3.35 15.82
C UNK B 304 10.80 2.12 16.50
N UNK B 305 9.68 2.29 17.21
CA UNK B 305 9.02 1.21 17.90
C UNK B 305 8.69 0.08 16.92
N UNK B 306 8.11 0.45 15.78
CA UNK B 306 7.74 -0.52 14.77
C UNK B 306 8.96 -1.32 14.34
N UNK B 307 10.06 -0.62 14.07
CA UNK B 307 11.29 -1.26 13.65
C UNK B 307 11.72 -2.28 14.69
N UNK B 308 11.72 -1.89 15.96
CA UNK B 308 12.11 -2.76 17.04
C UNK B 308 11.26 -4.03 17.02
N UNK B 309 9.94 -3.86 16.89
CA UNK B 309 9.02 -4.98 16.85
C UNK B 309 9.41 -5.94 15.74
N UNK B 310 9.66 -5.39 14.55
CA UNK B 310 10.04 -6.19 13.40
C UNK B 310 11.28 -7.01 13.72
N UNK B 311 12.29 -6.37 14.30
CA UNK B 311 13.53 -7.04 14.65
C UNK B 311 13.23 -8.22 15.58
N UNK B 312 12.41 -7.98 16.61
CA UNK B 312 12.06 -9.02 17.55
C UNK B 312 11.45 -10.20 16.83
N UNK B 313 10.50 -9.93 15.92
CA UNK B 313 9.84 -10.97 15.16
C UNK B 313 10.86 -11.79 14.41
N UNK B 314 11.80 -11.13 13.73
CA UNK B 314 12.83 -11.80 12.97
C UNK B 314 13.62 -12.73 13.87
N UNK B 315 14.01 -12.25 15.04
CA UNK B 315 14.78 -13.03 15.99
C UNK B 315 14.00 -14.30 16.35
N UNK B 316 12.71 -14.14 16.66
CA UNK B 316 11.86 -15.27 17.01
C UNK B 316 11.87 -16.30 15.90
N UNK B 317 11.70 -15.85 14.65
CA UNK B 317 11.69 -16.73 13.50
C UNK B 317 12.98 -17.53 13.45
N UNK B 318 14.11 -16.84 13.61
CA UNK B 318 15.41 -17.48 13.57
C UNK B 318 15.48 -18.59 14.62
#